data_1QZX
#
_entry.id   1QZX
#
_cell.length_a   197.906
_cell.length_b   197.906
_cell.length_c   64.305
_cell.angle_alpha   90.00
_cell.angle_beta   90.00
_cell.angle_gamma   90.00
#
_symmetry.space_group_name_H-M   'I 4'
#
_entity_poly.entity_id   1
_entity_poly.type   'polypeptide(L)'
_entity_poly.pdbx_seq_one_letter_code
;MGHHHHHHMLENIRDAVRKFLTGSTPYEKAVDEFIKDLQKSLISSDVNVKLVFSLTAKIKERLNKEKPPSVLERKEWFIS
IVYDELSKLFGGDKEPNVNPTKLPFIIMLVGVQGSGKTTTAGKLAYFYKKRGYKVGLVAADVYRPAAYDQLLQLGNQIGV
QVYGEPNNQNPIEIAKKGVDIFVKNKMDIIIVDTAGRHGYGEETKLLEEMKEMYDVLKPDDVILVIDASIGQKAYDLASR
FHQASPIGSVIITKMDGTAKGGGALSAVVATGATIKFIGTGEKIDELETFNAKRFVSRILGMGDIESILEKVKGLEEYDK
IQKKMEDVMEGKGKLTLRDVYAQIIALRKMGPLSKVLQHIPGLGIMLPTPSEDQLKIGEEKIRRWLAALNSMTYKELENP
NIIDKSRMRRIAEGSGLEVEEVRELLEWYNNMNRLLKMVK
;
_entity_poly.pdbx_strand_id   A,B
#
# COMPACT_ATOMS: atom_id res chain seq x y z
N MET A 9 -11.16 26.86 2.96
CA MET A 9 -9.89 26.97 2.23
C MET A 9 -9.87 26.10 0.97
N LEU A 10 -10.04 24.78 1.10
CA LEU A 10 -10.02 23.89 -0.08
C LEU A 10 -10.73 24.47 -1.29
N GLU A 11 -11.88 25.06 -1.06
CA GLU A 11 -12.58 25.64 -2.18
C GLU A 11 -11.75 26.83 -2.68
N ASN A 12 -10.99 27.49 -1.82
CA ASN A 12 -10.19 28.59 -2.32
C ASN A 12 -8.98 28.04 -3.08
N ILE A 13 -8.34 27.00 -2.56
CA ILE A 13 -7.17 26.44 -3.24
C ILE A 13 -7.59 25.90 -4.60
N ARG A 14 -8.89 25.71 -4.77
CA ARG A 14 -9.37 25.19 -6.03
C ARG A 14 -9.26 26.25 -7.12
N ASP A 15 -9.49 27.52 -6.77
CA ASP A 15 -9.39 28.57 -7.77
C ASP A 15 -7.93 29.00 -7.94
N ALA A 16 -7.06 28.60 -7.02
CA ALA A 16 -5.66 28.97 -7.13
C ALA A 16 -4.91 28.00 -8.00
N VAL A 17 -5.51 26.85 -8.25
CA VAL A 17 -4.88 25.86 -9.09
C VAL A 17 -5.36 26.04 -10.52
N ARG A 18 -6.55 26.61 -10.65
CA ARG A 18 -7.10 26.84 -11.95
C ARG A 18 -6.27 27.92 -12.62
N LYS A 19 -5.82 28.90 -11.83
CA LYS A 19 -5.02 30.00 -12.36
C LYS A 19 -3.55 29.63 -12.55
N PHE A 20 -3.17 28.40 -12.21
CA PHE A 20 -1.78 27.98 -12.34
C PHE A 20 -1.66 26.93 -13.42
N LEU A 21 -2.77 26.28 -13.66
CA LEU A 21 -2.82 25.27 -14.68
C LEU A 21 -2.95 25.95 -16.01
N THR A 22 -3.72 27.03 -16.05
CA THR A 22 -3.97 27.77 -17.27
C THR A 22 -2.80 28.61 -17.79
N GLY A 23 -1.62 27.98 -17.83
CA GLY A 23 -0.39 28.61 -18.32
C GLY A 23 -0.21 30.08 -18.63
N SER A 24 -0.55 30.96 -17.69
CA SER A 24 -0.41 32.41 -17.88
C SER A 24 1.03 32.88 -18.12
N THR A 25 1.74 33.13 -17.02
CA THR A 25 3.11 33.62 -17.03
C THR A 25 4.10 32.45 -17.00
N PRO A 26 5.41 32.72 -16.83
CA PRO A 26 6.28 31.54 -16.82
C PRO A 26 5.93 30.52 -15.77
N TYR A 27 6.77 29.50 -15.65
CA TYR A 27 6.57 28.46 -14.66
C TYR A 27 7.06 28.99 -13.32
N GLU A 28 8.34 29.28 -13.23
CA GLU A 28 9.00 29.73 -12.01
C GLU A 28 8.19 30.81 -11.30
N LYS A 29 7.65 31.80 -11.97
CA LYS A 29 6.86 32.80 -11.22
C LYS A 29 5.50 32.22 -10.91
N ALA A 30 5.01 31.30 -11.73
CA ALA A 30 3.69 30.72 -11.47
C ALA A 30 3.68 29.95 -10.15
N VAL A 31 4.65 29.07 -9.95
CA VAL A 31 4.71 28.31 -8.72
C VAL A 31 4.81 29.34 -7.61
N ASP A 32 5.82 30.19 -7.67
CA ASP A 32 5.97 31.20 -6.65
C ASP A 32 4.56 31.72 -6.38
N GLU A 33 3.98 32.41 -7.36
CA GLU A 33 2.64 32.97 -7.20
C GLU A 33 1.74 31.94 -6.55
N PHE A 34 1.76 30.71 -7.04
CA PHE A 34 0.95 29.67 -6.43
C PHE A 34 1.31 29.53 -4.98
N ILE A 35 2.58 29.30 -4.72
CA ILE A 35 3.01 29.14 -3.36
C ILE A 35 2.63 30.34 -2.54
N LYS A 36 2.71 31.53 -3.12
CA LYS A 36 2.35 32.71 -2.35
C LYS A 36 0.87 32.76 -1.99
N ASP A 37 0.04 32.02 -2.72
CA ASP A 37 -1.40 32.00 -2.45
C ASP A 37 -1.83 30.80 -1.61
N LEU A 38 -0.95 29.82 -1.50
CA LEU A 38 -1.23 28.67 -0.69
C LEU A 38 -0.95 29.15 0.71
N GLN A 39 0.30 29.54 0.95
CA GLN A 39 0.68 30.03 2.26
C GLN A 39 -0.33 31.02 2.80
N LYS A 40 -0.87 31.90 1.96
CA LYS A 40 -1.84 32.92 2.42
C LYS A 40 -3.25 32.45 2.74
N SER A 41 -3.67 31.31 2.21
CA SER A 41 -5.00 30.85 2.55
C SER A 41 -4.86 29.99 3.82
N LEU A 42 -3.86 29.11 3.84
CA LEU A 42 -3.60 28.26 4.99
C LEU A 42 -3.52 29.08 6.28
N ILE A 43 -2.63 30.07 6.31
CA ILE A 43 -2.50 30.93 7.48
C ILE A 43 -3.88 31.42 7.77
N SER A 44 -4.50 31.97 6.74
CA SER A 44 -5.83 32.48 6.90
C SER A 44 -6.64 31.48 7.70
N SER A 45 -6.66 30.23 7.27
CA SER A 45 -7.41 29.22 7.99
C SER A 45 -6.94 28.90 9.40
N ASP A 46 -5.94 29.63 9.88
CA ASP A 46 -5.40 29.44 11.22
C ASP A 46 -4.48 28.23 11.47
N VAL A 47 -3.90 27.66 10.42
CA VAL A 47 -3.00 26.52 10.55
C VAL A 47 -1.72 27.02 11.20
N ASN A 48 -1.03 26.19 11.97
CA ASN A 48 0.19 26.70 12.58
C ASN A 48 1.06 27.21 11.45
N VAL A 49 1.70 28.36 11.67
CA VAL A 49 2.59 28.93 10.67
C VAL A 49 3.88 28.11 10.57
N LYS A 50 4.00 27.10 11.44
CA LYS A 50 5.19 26.24 11.41
C LYS A 50 4.84 25.03 10.56
N LEU A 51 3.55 24.85 10.29
CA LEU A 51 3.13 23.75 9.45
C LEU A 51 3.09 24.26 8.05
N VAL A 52 2.61 25.48 7.89
CA VAL A 52 2.54 26.10 6.59
C VAL A 52 3.91 26.23 5.95
N PHE A 53 4.94 26.52 6.75
CA PHE A 53 6.29 26.68 6.24
C PHE A 53 6.96 25.35 5.91
N SER A 54 6.72 24.26 6.65
CA SER A 54 7.36 22.99 6.30
C SER A 54 6.68 22.35 5.11
N LEU A 55 5.50 22.85 4.79
CA LEU A 55 4.76 22.34 3.65
C LEU A 55 5.36 22.93 2.39
N THR A 56 5.14 24.23 2.19
CA THR A 56 5.66 24.89 1.00
C THR A 56 7.17 24.75 0.87
N ALA A 57 7.81 24.11 1.85
CA ALA A 57 9.26 23.90 1.80
C ALA A 57 9.55 22.42 1.56
N LYS A 58 8.50 21.63 1.70
CA LYS A 58 8.60 20.22 1.46
C LYS A 58 8.10 20.04 0.05
N ILE A 59 7.29 20.99 -0.41
CA ILE A 59 6.77 20.94 -1.78
C ILE A 59 7.83 21.33 -2.78
N LYS A 60 8.65 22.30 -2.44
CA LYS A 60 9.66 22.73 -3.38
C LYS A 60 10.81 21.72 -3.45
N GLU A 61 11.11 21.07 -2.33
CA GLU A 61 12.20 20.10 -2.28
C GLU A 61 11.91 18.96 -3.24
N ARG A 62 10.69 18.48 -3.19
CA ARG A 62 10.26 17.39 -4.06
C ARG A 62 10.23 17.87 -5.52
N LEU A 63 9.92 19.14 -5.70
CA LEU A 63 9.82 19.74 -7.03
C LEU A 63 11.21 19.86 -7.63
N ASN A 64 12.23 19.70 -6.79
CA ASN A 64 13.63 19.76 -7.19
C ASN A 64 14.24 18.35 -7.29
N LYS A 65 13.64 17.40 -6.60
CA LYS A 65 14.13 16.02 -6.60
C LYS A 65 13.39 15.04 -7.48
N GLU A 66 12.11 15.30 -7.69
CA GLU A 66 11.25 14.41 -8.45
C GLU A 66 10.71 14.96 -9.76
N LYS A 67 11.56 15.01 -10.79
CA LYS A 67 11.14 15.51 -12.10
C LYS A 67 9.85 14.79 -12.47
N PRO A 68 9.09 15.32 -13.42
CA PRO A 68 7.84 14.66 -13.79
C PRO A 68 8.04 13.35 -14.59
N PRO A 69 7.21 12.32 -14.35
CA PRO A 69 7.35 11.08 -15.11
C PRO A 69 7.03 11.37 -16.59
N SER A 70 7.80 10.81 -17.53
CA SER A 70 7.53 11.09 -18.95
C SER A 70 6.04 11.24 -19.18
N VAL A 71 5.67 12.04 -20.15
CA VAL A 71 4.28 12.29 -20.50
C VAL A 71 3.53 13.18 -19.54
N LEU A 72 4.18 13.53 -18.43
CA LEU A 72 3.51 14.40 -17.47
C LEU A 72 3.85 15.82 -17.72
N GLU A 73 2.86 16.67 -17.57
CA GLU A 73 3.10 18.05 -17.79
C GLU A 73 3.75 18.57 -16.54
N ARG A 74 4.71 19.47 -16.74
CA ARG A 74 5.41 20.07 -15.62
C ARG A 74 4.33 20.66 -14.72
N LYS A 75 3.50 21.51 -15.29
CA LYS A 75 2.45 22.15 -14.52
C LYS A 75 1.45 21.17 -13.94
N GLU A 76 1.52 19.91 -14.31
CA GLU A 76 0.57 18.95 -13.78
C GLU A 76 1.20 18.12 -12.70
N TRP A 77 2.53 18.11 -12.71
CA TRP A 77 3.30 17.35 -11.74
C TRP A 77 3.43 18.10 -10.46
N PHE A 78 3.49 19.41 -10.59
CA PHE A 78 3.60 20.24 -9.42
C PHE A 78 2.32 20.02 -8.67
N ILE A 79 1.22 20.53 -9.22
CA ILE A 79 -0.06 20.38 -8.55
C ILE A 79 -0.10 19.02 -7.90
N SER A 80 0.13 17.99 -8.70
CA SER A 80 0.14 16.60 -8.25
C SER A 80 0.81 16.45 -6.90
N ILE A 81 1.97 17.08 -6.79
CA ILE A 81 2.72 17.01 -5.56
C ILE A 81 2.06 17.76 -4.45
N VAL A 82 1.42 18.86 -4.80
CA VAL A 82 0.75 19.65 -3.80
C VAL A 82 -0.26 18.81 -3.03
N TYR A 83 -1.30 18.32 -3.71
CA TYR A 83 -2.32 17.53 -3.02
C TYR A 83 -1.62 16.57 -2.08
N ASP A 84 -0.82 15.68 -2.63
CA ASP A 84 -0.11 14.73 -1.80
C ASP A 84 0.20 15.40 -0.49
N GLU A 85 1.01 16.44 -0.55
CA GLU A 85 1.37 17.11 0.66
C GLU A 85 0.15 17.62 1.40
N LEU A 86 -0.71 18.39 0.75
CA LEU A 86 -1.88 18.85 1.49
C LEU A 86 -2.40 17.63 2.25
N SER A 87 -2.57 16.51 1.57
CA SER A 87 -3.05 15.35 2.28
C SER A 87 -2.24 15.14 3.55
N LYS A 88 -0.96 14.83 3.40
CA LYS A 88 -0.14 14.59 4.57
C LYS A 88 -0.34 15.67 5.63
N LEU A 89 -0.66 16.88 5.17
CA LEU A 89 -0.87 17.98 6.10
C LEU A 89 -1.97 17.56 7.06
N PHE A 90 -3.08 17.08 6.50
CA PHE A 90 -4.24 16.67 7.27
C PHE A 90 -4.24 15.23 7.74
N GLY A 91 -3.07 14.60 7.80
CA GLY A 91 -3.08 13.24 8.29
C GLY A 91 -2.87 12.20 7.23
N GLY A 92 -2.72 12.67 6.01
CA GLY A 92 -2.48 11.77 4.91
C GLY A 92 -3.42 10.60 4.75
N ASP A 93 -3.14 9.86 3.69
CA ASP A 93 -3.90 8.72 3.29
C ASP A 93 -4.00 7.59 4.32
N LYS A 94 -5.17 7.51 4.96
CA LYS A 94 -5.49 6.49 5.96
C LYS A 94 -7.03 6.41 6.00
N GLU A 95 -7.58 5.20 6.04
CA GLU A 95 -9.04 5.03 6.07
C GLU A 95 -9.47 4.34 7.36
N PRO A 96 -9.76 5.13 8.41
CA PRO A 96 -10.17 4.61 9.71
C PRO A 96 -11.18 3.47 9.64
N ASN A 97 -11.14 2.61 10.65
CA ASN A 97 -12.05 1.50 10.72
C ASN A 97 -13.26 2.07 11.42
N VAL A 98 -14.41 2.10 10.73
CA VAL A 98 -15.65 2.65 11.30
C VAL A 98 -16.68 1.63 11.71
N ASN A 99 -16.53 0.40 11.23
CA ASN A 99 -17.45 -0.66 11.57
C ASN A 99 -16.76 -1.57 12.57
N PRO A 100 -17.17 -1.49 13.82
CA PRO A 100 -16.59 -2.31 14.87
C PRO A 100 -16.86 -3.79 14.59
N THR A 101 -16.17 -4.70 15.30
CA THR A 101 -16.41 -6.14 15.14
C THR A 101 -16.55 -6.85 16.51
N LYS A 102 -16.48 -6.07 17.60
CA LYS A 102 -16.68 -6.56 18.97
C LYS A 102 -18.06 -6.13 19.49
N LEU A 103 -19.11 -6.87 19.15
CA LEU A 103 -20.44 -6.56 19.63
C LEU A 103 -20.71 -7.11 21.02
N PRO A 104 -21.25 -6.28 21.90
CA PRO A 104 -21.66 -4.90 21.67
C PRO A 104 -20.48 -3.94 21.74
N PHE A 105 -20.73 -2.66 21.48
CA PHE A 105 -19.67 -1.64 21.52
C PHE A 105 -20.02 -0.41 22.31
N ILE A 106 -19.15 -0.02 23.24
CA ILE A 106 -19.41 1.15 24.04
C ILE A 106 -18.54 2.28 23.55
N ILE A 107 -19.15 3.32 23.00
CA ILE A 107 -18.42 4.49 22.54
C ILE A 107 -18.76 5.67 23.44
N MET A 108 -17.76 6.16 24.13
CA MET A 108 -17.96 7.26 25.03
C MET A 108 -17.61 8.52 24.26
N LEU A 109 -18.51 9.49 24.25
CA LEU A 109 -18.24 10.76 23.60
C LEU A 109 -17.79 11.73 24.69
N VAL A 110 -16.68 12.42 24.43
CA VAL A 110 -16.11 13.36 25.38
C VAL A 110 -15.55 14.59 24.71
N GLY A 111 -15.49 15.69 25.45
CA GLY A 111 -14.95 16.92 24.92
C GLY A 111 -15.40 18.14 25.67
N VAL A 112 -14.85 19.29 25.29
CA VAL A 112 -15.20 20.55 25.90
C VAL A 112 -16.66 20.82 25.62
N GLN A 113 -17.20 21.84 26.27
CA GLN A 113 -18.59 22.23 26.10
C GLN A 113 -18.88 22.65 24.68
N GLY A 114 -20.11 22.37 24.24
CA GLY A 114 -20.52 22.77 22.91
C GLY A 114 -19.39 22.57 21.93
N SER A 115 -19.45 21.46 21.24
CA SER A 115 -18.46 21.09 20.25
C SER A 115 -19.27 20.30 19.28
N GLY A 116 -20.49 20.74 19.06
CA GLY A 116 -21.32 19.97 18.16
C GLY A 116 -21.53 18.69 18.96
N LYS A 117 -21.33 18.84 20.27
CA LYS A 117 -21.49 17.72 21.16
C LYS A 117 -22.92 17.66 21.65
N THR A 118 -23.60 16.59 21.27
CA THR A 118 -24.99 16.34 21.62
C THR A 118 -25.71 16.13 20.30
N THR A 119 -25.24 16.80 19.26
CA THR A 119 -25.83 16.60 17.95
C THR A 119 -24.99 15.48 17.35
N THR A 120 -23.72 15.46 17.75
CA THR A 120 -22.81 14.44 17.27
C THR A 120 -23.22 13.06 17.76
N ALA A 121 -23.65 12.96 19.01
CA ALA A 121 -24.10 11.67 19.53
C ALA A 121 -25.36 11.28 18.79
N GLY A 122 -25.96 12.27 18.13
CA GLY A 122 -27.14 12.00 17.36
C GLY A 122 -26.60 11.43 16.08
N LYS A 123 -26.08 12.30 15.22
CA LYS A 123 -25.51 11.87 13.96
C LYS A 123 -24.85 10.53 14.17
N LEU A 124 -23.87 10.47 15.06
CA LEU A 124 -23.18 9.22 15.30
C LEU A 124 -24.15 8.07 15.45
N ALA A 125 -25.02 8.14 16.44
CA ALA A 125 -26.00 7.11 16.65
C ALA A 125 -26.61 6.84 15.29
N TYR A 126 -27.14 7.89 14.67
CA TYR A 126 -27.76 7.78 13.34
C TYR A 126 -26.86 6.95 12.44
N PHE A 127 -25.66 7.45 12.17
CA PHE A 127 -24.74 6.72 11.29
C PHE A 127 -24.74 5.24 11.57
N TYR A 128 -24.59 4.87 12.83
CA TYR A 128 -24.57 3.46 13.16
C TYR A 128 -25.94 2.79 13.05
N LYS A 129 -27.03 3.54 13.14
CA LYS A 129 -28.32 2.89 13.00
C LYS A 129 -28.48 2.59 11.56
N LYS A 130 -28.14 3.55 10.73
CA LYS A 130 -28.25 3.32 9.31
C LYS A 130 -27.46 2.08 8.95
N ARG A 131 -26.31 1.86 9.54
CA ARG A 131 -25.62 0.64 9.15
C ARG A 131 -26.35 -0.55 9.83
N GLY A 132 -27.64 -0.37 10.06
CA GLY A 132 -28.46 -1.40 10.66
C GLY A 132 -28.10 -1.94 12.01
N TYR A 133 -27.30 -1.19 12.76
CA TYR A 133 -26.93 -1.60 14.13
C TYR A 133 -27.92 -1.12 15.19
N LYS A 134 -28.17 -1.98 16.15
CA LYS A 134 -29.02 -1.64 17.26
C LYS A 134 -28.19 -0.79 18.21
N VAL A 135 -28.54 0.50 18.23
CA VAL A 135 -27.88 1.51 19.03
C VAL A 135 -28.72 1.99 20.18
N GLY A 136 -28.07 2.46 21.23
CA GLY A 136 -28.77 2.99 22.39
C GLY A 136 -27.98 4.18 22.87
N LEU A 137 -28.56 5.38 22.85
CA LEU A 137 -27.83 6.56 23.30
C LEU A 137 -27.91 6.80 24.79
N VAL A 138 -26.83 7.25 25.39
CA VAL A 138 -26.85 7.53 26.82
C VAL A 138 -26.58 8.97 27.17
N ALA A 139 -27.62 9.71 27.52
CA ALA A 139 -27.42 11.09 27.87
C ALA A 139 -26.79 11.29 29.22
N ALA A 140 -25.53 11.69 29.22
CA ALA A 140 -24.82 11.94 30.46
C ALA A 140 -24.07 13.27 30.38
N ASP A 141 -24.74 14.28 29.82
CA ASP A 141 -24.16 15.61 29.69
C ASP A 141 -25.01 16.52 30.55
N VAL A 142 -25.02 16.26 31.85
CA VAL A 142 -25.83 17.02 32.81
C VAL A 142 -25.53 18.49 33.01
N TYR A 143 -24.36 19.00 32.62
CA TYR A 143 -24.11 20.43 32.86
C TYR A 143 -25.00 21.32 31.99
N ARG A 144 -25.33 20.92 30.76
CA ARG A 144 -26.26 21.73 29.94
C ARG A 144 -27.63 21.11 30.24
N PRO A 145 -28.55 21.85 30.86
CA PRO A 145 -29.79 21.15 31.11
C PRO A 145 -30.49 20.76 29.81
N ALA A 146 -30.39 21.63 28.81
CA ALA A 146 -31.05 21.38 27.53
C ALA A 146 -30.39 20.29 26.73
N ALA A 147 -29.30 19.72 27.20
CA ALA A 147 -28.65 18.65 26.43
C ALA A 147 -29.46 17.34 26.43
N TYR A 148 -30.22 17.07 27.49
CA TYR A 148 -31.03 15.85 27.55
C TYR A 148 -32.24 15.94 26.64
N ASP A 149 -33.18 16.83 26.97
CA ASP A 149 -34.38 16.97 26.17
C ASP A 149 -34.06 17.13 24.66
N GLN A 150 -32.78 17.40 24.37
CA GLN A 150 -32.31 17.56 22.99
C GLN A 150 -32.03 16.15 22.47
N LEU A 151 -31.32 15.35 23.27
CA LEU A 151 -30.99 13.99 22.87
C LEU A 151 -32.23 13.10 22.74
N LEU A 152 -33.22 13.34 23.58
CA LEU A 152 -34.44 12.55 23.53
C LEU A 152 -35.17 12.88 22.26
N GLN A 153 -35.07 14.13 21.83
CA GLN A 153 -35.70 14.53 20.58
C GLN A 153 -35.09 13.72 19.44
N LEU A 154 -33.81 13.95 19.14
CA LEU A 154 -33.15 13.23 18.05
C LEU A 154 -33.46 11.72 18.07
N GLY A 155 -33.26 11.09 19.22
CA GLY A 155 -33.53 9.67 19.34
C GLY A 155 -34.89 9.24 18.83
N ASN A 156 -35.93 9.94 19.26
CA ASN A 156 -37.27 9.64 18.79
C ASN A 156 -37.28 10.00 17.31
N GLN A 157 -36.46 10.97 16.90
CA GLN A 157 -36.42 11.38 15.51
C GLN A 157 -35.65 10.40 14.63
N ILE A 158 -34.76 9.59 15.20
CA ILE A 158 -34.03 8.64 14.37
C ILE A 158 -34.30 7.21 14.83
N GLY A 159 -35.36 7.07 15.60
CA GLY A 159 -35.76 5.79 16.11
C GLY A 159 -34.75 5.10 16.99
N VAL A 160 -33.95 5.86 17.70
CA VAL A 160 -32.98 5.22 18.56
C VAL A 160 -33.36 5.47 19.98
N GLN A 161 -33.18 4.47 20.81
CA GLN A 161 -33.52 4.62 22.22
C GLN A 161 -32.53 5.52 22.94
N VAL A 162 -33.03 6.31 23.87
CA VAL A 162 -32.22 7.23 24.64
C VAL A 162 -32.43 6.97 26.12
N TYR A 163 -31.35 6.77 26.87
CA TYR A 163 -31.44 6.55 28.32
C TYR A 163 -30.83 7.69 29.11
N GLY A 164 -31.69 8.45 29.79
CA GLY A 164 -31.24 9.59 30.57
C GLY A 164 -32.03 9.75 31.86
N GLU A 165 -31.50 10.53 32.79
CA GLU A 165 -32.13 10.75 34.08
C GLU A 165 -32.24 12.24 34.37
N PRO A 166 -33.28 12.90 33.82
CA PRO A 166 -33.47 14.33 34.03
C PRO A 166 -33.08 14.91 35.38
N ASN A 167 -32.59 16.14 35.31
CA ASN A 167 -32.12 16.92 36.43
C ASN A 167 -30.87 16.36 37.08
N ASN A 168 -30.83 15.03 37.22
CA ASN A 168 -29.70 14.36 37.82
C ASN A 168 -28.38 14.95 37.36
N GLN A 169 -27.46 15.11 38.29
CA GLN A 169 -26.18 15.69 37.97
C GLN A 169 -25.04 14.73 38.17
N ASN A 170 -25.36 13.48 38.47
CA ASN A 170 -24.31 12.51 38.63
C ASN A 170 -24.01 11.87 37.29
N PRO A 171 -22.99 12.35 36.58
CA PRO A 171 -22.74 11.72 35.31
C PRO A 171 -22.45 10.24 35.49
N ILE A 172 -21.32 9.95 36.12
CA ILE A 172 -20.95 8.55 36.31
C ILE A 172 -22.18 7.68 36.52
N GLU A 173 -22.89 7.96 37.59
CA GLU A 173 -24.07 7.19 37.87
C GLU A 173 -24.86 7.05 36.58
N ILE A 174 -25.25 8.16 35.95
CA ILE A 174 -26.02 8.06 34.73
C ILE A 174 -25.38 7.14 33.72
N ALA A 175 -24.14 7.41 33.33
CA ALA A 175 -23.45 6.58 32.35
C ALA A 175 -23.51 5.11 32.76
N LYS A 176 -23.35 4.85 34.04
CA LYS A 176 -23.37 3.48 34.51
C LYS A 176 -24.75 2.87 34.29
N LYS A 177 -25.79 3.54 34.80
CA LYS A 177 -27.17 3.04 34.67
C LYS A 177 -27.62 2.96 33.22
N GLY A 178 -27.00 3.74 32.36
CA GLY A 178 -27.40 3.72 30.97
C GLY A 178 -26.79 2.54 30.28
N VAL A 179 -25.47 2.50 30.26
CA VAL A 179 -24.78 1.41 29.62
C VAL A 179 -25.24 0.06 30.15
N ASP A 180 -25.38 -0.07 31.47
CA ASP A 180 -25.84 -1.35 32.02
C ASP A 180 -27.21 -1.69 31.45
N ILE A 181 -28.05 -0.68 31.26
CA ILE A 181 -29.36 -0.99 30.73
C ILE A 181 -29.31 -1.39 29.26
N PHE A 182 -28.44 -0.74 28.46
CA PHE A 182 -28.32 -1.04 27.02
C PHE A 182 -27.54 -2.27 26.65
N VAL A 183 -26.86 -2.83 27.65
CA VAL A 183 -26.09 -4.03 27.45
C VAL A 183 -27.00 -5.14 27.91
N LYS A 184 -28.03 -4.74 28.65
CA LYS A 184 -28.99 -5.69 29.12
C LYS A 184 -29.86 -5.91 27.91
N ASN A 185 -30.66 -4.92 27.53
CA ASN A 185 -31.49 -5.12 26.37
C ASN A 185 -30.65 -5.71 25.23
N LYS A 186 -29.37 -5.90 25.46
CA LYS A 186 -28.49 -6.52 24.46
C LYS A 186 -28.22 -5.68 23.26
N MET A 187 -28.11 -4.39 23.45
CA MET A 187 -27.81 -3.51 22.34
C MET A 187 -26.56 -3.93 21.60
N ASP A 188 -26.20 -3.14 20.61
CA ASP A 188 -25.01 -3.43 19.85
C ASP A 188 -24.09 -2.26 19.95
N ILE A 189 -24.55 -1.07 19.60
CA ILE A 189 -23.70 0.08 19.75
C ILE A 189 -24.28 1.06 20.74
N ILE A 190 -23.53 1.26 21.82
CA ILE A 190 -23.93 2.13 22.89
C ILE A 190 -23.01 3.33 22.93
N ILE A 191 -23.60 4.50 22.67
CA ILE A 191 -22.88 5.76 22.63
C ILE A 191 -23.19 6.63 23.84
N VAL A 192 -22.18 6.94 24.65
CA VAL A 192 -22.40 7.78 25.83
C VAL A 192 -21.87 9.18 25.64
N ASP A 193 -22.80 10.11 25.67
CA ASP A 193 -22.52 11.53 25.50
C ASP A 193 -22.23 12.14 26.84
N THR A 194 -21.02 12.67 26.97
CA THR A 194 -20.58 13.28 28.20
C THR A 194 -20.10 14.67 27.82
N ALA A 195 -19.64 15.46 28.78
CA ALA A 195 -19.15 16.78 28.43
C ALA A 195 -17.80 17.13 29.03
N GLY A 196 -17.71 18.30 29.63
CA GLY A 196 -16.45 18.71 30.23
C GLY A 196 -16.63 20.03 30.92
N ARG A 197 -16.15 20.14 32.15
CA ARG A 197 -16.28 21.38 32.90
C ARG A 197 -15.32 22.51 32.46
N HIS A 198 -14.25 22.18 31.74
CA HIS A 198 -13.30 23.21 31.30
C HIS A 198 -13.23 23.37 29.79
N GLY A 199 -12.52 24.39 29.35
CA GLY A 199 -12.40 24.67 27.94
C GLY A 199 -10.96 24.58 27.50
N TYR A 200 -10.67 25.04 26.28
CA TYR A 200 -9.32 24.95 25.76
C TYR A 200 -8.35 25.80 26.54
N GLY A 201 -7.26 25.17 26.97
CA GLY A 201 -6.23 25.85 27.75
C GLY A 201 -6.26 25.31 29.17
N GLU A 202 -7.22 24.41 29.42
CA GLU A 202 -7.39 23.78 30.71
C GLU A 202 -7.42 22.31 30.36
N GLU A 203 -6.46 21.90 29.54
CA GLU A 203 -6.36 20.52 29.13
C GLU A 203 -6.26 19.53 30.30
N THR A 204 -5.08 19.42 30.91
CA THR A 204 -4.89 18.51 32.03
C THR A 204 -6.18 18.27 32.81
N LYS A 205 -6.74 19.31 33.44
CA LYS A 205 -7.94 19.28 34.27
C LYS A 205 -9.10 18.65 33.50
N LEU A 206 -9.26 18.97 32.23
CA LEU A 206 -10.33 18.39 31.45
C LEU A 206 -10.13 16.87 31.46
N LEU A 207 -9.08 16.40 30.79
CA LEU A 207 -8.78 14.97 30.73
C LEU A 207 -8.88 14.30 32.10
N GLU A 208 -8.22 14.86 33.11
CA GLU A 208 -8.31 14.29 34.44
C GLU A 208 -9.80 14.03 34.76
N GLU A 209 -10.65 15.01 34.48
CA GLU A 209 -12.08 14.89 34.74
C GLU A 209 -12.66 13.69 34.00
N MET A 210 -12.32 13.49 32.73
CA MET A 210 -12.86 12.36 31.99
C MET A 210 -12.52 11.06 32.71
N LYS A 211 -11.34 11.00 33.30
CA LYS A 211 -10.91 9.78 33.95
C LYS A 211 -12.02 9.05 34.68
N GLU A 212 -12.68 9.65 35.65
CA GLU A 212 -13.65 8.94 36.47
C GLU A 212 -14.90 8.59 35.67
N MET A 213 -15.10 8.91 34.42
CA MET A 213 -16.30 8.50 33.69
C MET A 213 -15.86 7.42 32.72
N TYR A 214 -14.56 7.25 32.65
CA TYR A 214 -13.97 6.26 31.80
C TYR A 214 -13.93 4.96 32.57
N ASP A 215 -13.19 4.91 33.67
CA ASP A 215 -13.09 3.72 34.48
C ASP A 215 -14.46 3.08 34.68
N VAL A 216 -15.46 3.85 35.07
CA VAL A 216 -16.80 3.33 35.33
C VAL A 216 -17.41 2.61 34.15
N LEU A 217 -17.29 3.21 32.96
CA LEU A 217 -17.88 2.64 31.74
C LEU A 217 -16.92 1.75 30.98
N LYS A 218 -15.64 1.84 31.28
CA LYS A 218 -14.66 1.02 30.59
C LYS A 218 -15.09 0.78 29.17
N PRO A 219 -15.26 1.85 28.41
CA PRO A 219 -15.67 1.90 27.00
C PRO A 219 -14.61 1.29 26.07
N ASP A 220 -15.05 0.75 24.94
CA ASP A 220 -14.12 0.16 23.99
C ASP A 220 -13.49 1.26 23.15
N ASP A 221 -14.17 2.41 23.05
CA ASP A 221 -13.67 3.53 22.28
C ASP A 221 -14.09 4.88 22.89
N VAL A 222 -13.18 5.85 22.92
CA VAL A 222 -13.43 7.21 23.44
C VAL A 222 -13.32 8.15 22.27
N ILE A 223 -14.24 9.10 22.13
CA ILE A 223 -14.18 10.02 21.00
C ILE A 223 -14.18 11.49 21.35
N LEU A 224 -13.07 12.16 21.14
CA LEU A 224 -13.02 13.58 21.43
C LEU A 224 -13.70 14.32 20.31
N VAL A 225 -14.70 15.09 20.68
CA VAL A 225 -15.46 15.86 19.73
C VAL A 225 -14.96 17.28 19.69
N ILE A 226 -14.36 17.70 18.59
CA ILE A 226 -13.88 19.08 18.55
C ILE A 226 -14.64 20.00 17.59
N ASP A 227 -14.80 21.25 18.01
CA ASP A 227 -15.47 22.21 17.17
C ASP A 227 -14.39 22.74 16.28
N ALA A 228 -14.60 22.63 14.97
CA ALA A 228 -13.63 23.10 14.00
C ALA A 228 -13.36 24.59 14.08
N SER A 229 -14.08 25.30 14.94
CA SER A 229 -13.89 26.74 15.10
C SER A 229 -12.85 27.09 16.16
N ILE A 230 -12.16 26.08 16.65
CA ILE A 230 -11.17 26.34 17.66
C ILE A 230 -9.85 26.58 16.94
N GLY A 231 -9.84 26.31 15.64
CA GLY A 231 -8.64 26.50 14.86
C GLY A 231 -7.54 25.65 15.42
N GLN A 232 -6.30 25.95 15.07
CA GLN A 232 -5.15 25.19 15.53
C GLN A 232 -5.05 25.05 17.06
N LYS A 233 -5.81 25.83 17.80
CA LYS A 233 -5.73 25.75 19.25
C LYS A 233 -6.20 24.40 19.78
N ALA A 234 -6.98 23.67 18.99
CA ALA A 234 -7.46 22.37 19.42
C ALA A 234 -6.26 21.51 19.63
N TYR A 235 -5.12 22.05 19.23
CA TYR A 235 -3.89 21.33 19.34
C TYR A 235 -3.59 20.75 20.72
N ASP A 236 -3.29 21.60 21.70
CA ASP A 236 -2.96 21.08 23.00
C ASP A 236 -3.85 19.94 23.44
N LEU A 237 -5.13 20.22 23.61
CA LEU A 237 -6.04 19.16 24.02
C LEU A 237 -5.84 17.89 23.22
N ALA A 238 -5.68 18.02 21.90
CA ALA A 238 -5.50 16.84 21.07
C ALA A 238 -4.33 15.99 21.55
N SER A 239 -3.11 16.49 21.32
CA SER A 239 -1.94 15.73 21.72
C SER A 239 -2.17 15.02 23.04
N ARG A 240 -2.34 15.79 24.12
CA ARG A 240 -2.54 15.19 25.42
C ARG A 240 -3.59 14.10 25.38
N PHE A 241 -4.73 14.36 24.75
CA PHE A 241 -5.76 13.35 24.70
C PHE A 241 -5.32 12.06 24.00
N HIS A 242 -4.75 12.14 22.80
CA HIS A 242 -4.35 10.91 22.10
C HIS A 242 -3.37 10.03 22.88
N GLN A 243 -2.55 10.66 23.72
CA GLN A 243 -1.58 9.92 24.51
C GLN A 243 -2.33 9.23 25.63
N ALA A 244 -3.02 10.02 26.45
CA ALA A 244 -3.78 9.52 27.58
C ALA A 244 -4.46 8.18 27.36
N SER A 245 -4.49 7.71 26.12
CA SER A 245 -5.12 6.42 25.88
C SER A 245 -4.76 5.75 24.56
N PRO A 246 -4.93 4.44 24.50
CA PRO A 246 -4.66 3.60 23.33
C PRO A 246 -5.95 3.42 22.55
N ILE A 247 -7.05 3.93 23.11
CA ILE A 247 -8.37 3.83 22.48
C ILE A 247 -9.00 5.20 22.28
N GLY A 248 -8.20 6.14 21.79
CA GLY A 248 -8.70 7.48 21.55
C GLY A 248 -8.88 7.75 20.08
N SER A 249 -9.89 8.55 19.76
CA SER A 249 -10.20 8.89 18.39
C SER A 249 -10.84 10.25 18.42
N VAL A 250 -10.89 10.94 17.30
CA VAL A 250 -11.51 12.26 17.31
C VAL A 250 -12.43 12.51 16.18
N ILE A 251 -13.38 13.41 16.43
CA ILE A 251 -14.36 13.82 15.45
C ILE A 251 -14.17 15.30 15.36
N ILE A 252 -14.28 15.83 14.15
CA ILE A 252 -14.13 17.25 13.94
C ILE A 252 -15.48 17.75 13.45
N THR A 253 -16.11 18.64 14.21
CA THR A 253 -17.42 19.15 13.84
C THR A 253 -17.52 20.57 13.39
N LYS A 254 -18.59 20.85 12.70
CA LYS A 254 -18.86 22.19 12.23
C LYS A 254 -17.80 22.73 11.31
N MET A 255 -17.24 21.89 10.45
CA MET A 255 -16.22 22.33 9.51
C MET A 255 -16.85 23.30 8.53
N ASP A 256 -18.16 23.29 8.39
CA ASP A 256 -18.76 24.20 7.42
C ASP A 256 -19.28 25.45 8.11
N GLY A 257 -18.65 25.80 9.23
CA GLY A 257 -19.06 27.01 9.96
C GLY A 257 -17.90 27.82 10.48
N THR A 258 -16.72 27.65 9.90
CA THR A 258 -15.53 28.33 10.34
C THR A 258 -14.50 28.31 9.25
N ALA A 259 -13.76 29.39 9.07
CA ALA A 259 -12.74 29.36 8.05
C ALA A 259 -11.54 28.78 8.76
N LYS A 260 -11.75 28.25 9.96
CA LYS A 260 -10.64 27.69 10.71
C LYS A 260 -10.48 26.17 10.60
N GLY A 261 -11.30 25.56 9.74
CA GLY A 261 -11.26 24.12 9.57
C GLY A 261 -9.89 23.51 9.39
N GLY A 262 -9.01 24.22 8.70
CA GLY A 262 -7.68 23.72 8.46
C GLY A 262 -6.82 23.72 9.70
N GLY A 263 -7.05 24.69 10.57
CA GLY A 263 -6.27 24.78 11.80
C GLY A 263 -6.55 23.59 12.69
N ALA A 264 -7.83 23.30 12.90
CA ALA A 264 -8.24 22.17 13.72
C ALA A 264 -7.65 20.91 13.12
N LEU A 265 -7.93 20.72 11.83
CA LEU A 265 -7.43 19.55 11.13
C LEU A 265 -5.91 19.47 11.14
N SER A 266 -5.23 20.48 10.59
CA SER A 266 -3.76 20.47 10.55
C SER A 266 -3.14 20.33 11.92
N ALA A 267 -3.82 20.86 12.94
CA ALA A 267 -3.30 20.78 14.29
C ALA A 267 -3.44 19.36 14.80
N VAL A 268 -4.68 18.89 14.94
CA VAL A 268 -4.95 17.54 15.43
C VAL A 268 -4.07 16.50 14.75
N VAL A 269 -4.11 16.45 13.42
CA VAL A 269 -3.30 15.50 12.65
C VAL A 269 -1.85 15.54 13.03
N ALA A 270 -1.38 16.73 13.35
CA ALA A 270 0.00 16.91 13.75
C ALA A 270 0.30 15.99 14.91
N THR A 271 -0.71 15.75 15.71
CA THR A 271 -0.59 14.90 16.88
C THR A 271 -0.54 13.45 16.48
N GLY A 272 -0.89 13.16 15.24
CA GLY A 272 -0.89 11.79 14.76
C GLY A 272 -2.23 11.11 14.96
N ALA A 273 -3.11 11.77 15.70
CA ALA A 273 -4.43 11.27 16.00
C ALA A 273 -5.10 10.58 14.85
N THR A 274 -6.21 9.92 15.17
CA THR A 274 -7.02 9.21 14.20
C THR A 274 -8.34 9.95 14.07
N ILE A 275 -8.45 10.84 13.09
CA ILE A 275 -9.70 11.56 12.91
C ILE A 275 -10.69 10.65 12.23
N LYS A 276 -11.49 9.94 13.02
CA LYS A 276 -12.45 9.02 12.43
C LYS A 276 -13.62 9.64 11.72
N PHE A 277 -14.19 10.71 12.25
CA PHE A 277 -15.33 11.34 11.61
C PHE A 277 -15.07 12.80 11.52
N ILE A 278 -15.86 13.49 10.71
CA ILE A 278 -15.74 14.92 10.56
C ILE A 278 -17.14 15.43 10.36
N GLY A 279 -17.55 16.39 11.15
CA GLY A 279 -18.89 16.86 10.97
C GLY A 279 -18.98 17.82 9.84
N THR A 280 -19.96 17.68 8.96
CA THR A 280 -20.08 18.64 7.90
C THR A 280 -21.18 19.64 8.18
N GLY A 281 -22.43 19.20 8.20
CA GLY A 281 -23.51 20.16 8.42
C GLY A 281 -24.24 20.16 9.73
N GLU A 282 -25.52 20.47 9.64
CA GLU A 282 -26.41 20.53 10.78
C GLU A 282 -27.55 19.56 10.63
N LYS A 283 -27.54 18.78 9.56
CA LYS A 283 -28.58 17.80 9.37
C LYS A 283 -28.08 16.48 9.96
N ILE A 284 -29.02 15.65 10.40
CA ILE A 284 -28.68 14.37 11.02
C ILE A 284 -27.68 13.49 10.32
N ASP A 285 -27.91 13.16 9.05
CA ASP A 285 -27.02 12.26 8.33
C ASP A 285 -25.65 12.78 7.92
N GLU A 286 -25.45 14.10 8.07
CA GLU A 286 -24.21 14.77 7.71
C GLU A 286 -23.04 14.54 8.67
N LEU A 287 -22.38 13.41 8.50
CA LEU A 287 -21.21 13.04 9.29
C LEU A 287 -20.49 12.09 8.37
N GLU A 288 -19.35 12.51 7.83
CA GLU A 288 -18.59 11.68 6.91
C GLU A 288 -17.35 11.01 7.43
N THR A 289 -17.01 9.88 6.86
CA THR A 289 -15.81 9.23 7.29
C THR A 289 -14.78 10.27 6.92
N PHE A 290 -13.62 10.23 7.54
CA PHE A 290 -12.60 11.20 7.20
C PHE A 290 -11.31 10.56 6.78
N ASN A 291 -10.93 10.81 5.53
CA ASN A 291 -9.70 10.28 4.99
C ASN A 291 -8.98 11.36 4.21
N ALA A 292 -8.13 12.10 4.90
CA ALA A 292 -7.39 13.18 4.28
C ALA A 292 -7.37 13.10 2.75
N LYS A 293 -6.54 12.24 2.20
CA LYS A 293 -6.43 12.15 0.75
C LYS A 293 -7.72 12.36 -0.04
N ARG A 294 -8.86 11.98 0.53
CA ARG A 294 -10.15 12.14 -0.15
C ARG A 294 -10.70 13.50 0.20
N PHE A 295 -10.56 13.83 1.47
CA PHE A 295 -11.03 15.11 1.94
C PHE A 295 -10.49 16.17 1.03
N VAL A 296 -9.22 16.04 0.68
CA VAL A 296 -8.60 17.01 -0.19
C VAL A 296 -9.01 16.70 -1.60
N SER A 297 -9.16 15.42 -1.88
CA SER A 297 -9.56 15.03 -3.22
C SER A 297 -10.74 15.90 -3.62
N ARG A 298 -11.52 16.34 -2.64
CA ARG A 298 -12.68 17.17 -2.93
C ARG A 298 -12.37 18.53 -3.55
N ILE A 299 -11.12 18.75 -3.95
CA ILE A 299 -10.79 20.03 -4.57
C ILE A 299 -10.25 19.86 -5.96
N LEU A 300 -10.81 20.61 -6.90
CA LEU A 300 -10.40 20.55 -8.28
C LEU A 300 -11.07 19.47 -9.09
N GLY A 301 -10.31 18.58 -9.70
CA GLY A 301 -10.94 17.55 -10.50
C GLY A 301 -10.35 16.16 -10.44
N MET A 302 -11.20 15.23 -10.07
CA MET A 302 -10.86 13.82 -9.97
C MET A 302 -9.77 13.39 -10.94
N GLY A 303 -9.97 13.71 -12.22
CA GLY A 303 -8.98 13.34 -13.22
C GLY A 303 -7.76 14.24 -13.23
N ASP A 304 -7.65 15.08 -12.22
CA ASP A 304 -6.52 15.98 -12.10
C ASP A 304 -5.52 15.34 -11.15
N ILE A 305 -6.05 14.51 -10.25
CA ILE A 305 -5.22 13.79 -9.32
C ILE A 305 -5.12 12.38 -9.88
N GLU A 306 -5.98 12.09 -10.86
CA GLU A 306 -6.07 10.77 -11.50
C GLU A 306 -4.78 10.11 -11.97
N SER A 307 -4.07 10.70 -12.92
CA SER A 307 -2.84 10.07 -13.38
C SER A 307 -2.03 9.66 -12.16
N ILE A 308 -2.29 10.31 -11.02
CA ILE A 308 -1.60 10.06 -9.74
C ILE A 308 -1.77 8.66 -9.18
N LEU A 309 -2.86 8.42 -8.48
CA LEU A 309 -3.10 7.11 -7.93
C LEU A 309 -3.14 6.10 -9.07
N GLU A 310 -3.08 6.59 -10.31
CA GLU A 310 -3.09 5.73 -11.47
C GLU A 310 -1.67 5.43 -11.90
N LYS A 311 -0.81 6.46 -11.86
CA LYS A 311 0.60 6.29 -12.21
C LYS A 311 1.29 5.29 -11.25
N VAL A 312 1.46 5.73 -9.99
CA VAL A 312 2.08 4.95 -8.90
C VAL A 312 1.50 3.54 -8.86
N LYS A 313 0.18 3.48 -8.82
CA LYS A 313 -0.53 2.22 -8.82
C LYS A 313 -0.10 1.57 -10.13
N GLY A 314 -0.63 2.08 -11.23
CA GLY A 314 -0.31 1.54 -12.54
C GLY A 314 1.11 1.11 -12.76
N LEU A 315 2.09 1.84 -12.24
CA LEU A 315 3.48 1.46 -12.47
C LEU A 315 3.94 0.33 -11.58
N GLU A 316 3.48 0.32 -10.33
CA GLU A 316 3.87 -0.75 -9.43
C GLU A 316 3.36 -2.11 -9.91
N GLU A 317 2.07 -2.22 -10.17
CA GLU A 317 1.50 -3.50 -10.63
C GLU A 317 2.19 -3.93 -11.92
N TYR A 318 2.82 -2.98 -12.58
CA TYR A 318 3.49 -3.24 -13.84
C TYR A 318 4.87 -3.87 -13.59
N ASP A 319 5.87 -3.03 -13.36
CA ASP A 319 7.24 -3.49 -13.14
C ASP A 319 7.30 -4.73 -12.26
N LYS A 320 6.68 -4.68 -11.09
CA LYS A 320 6.69 -5.82 -10.18
C LYS A 320 6.18 -7.11 -10.82
N ILE A 321 4.92 -7.10 -11.24
CA ILE A 321 4.29 -8.27 -11.80
C ILE A 321 5.12 -8.96 -12.86
N GLN A 322 5.82 -8.21 -13.67
CA GLN A 322 6.65 -8.84 -14.67
C GLN A 322 7.64 -9.66 -13.89
N LYS A 323 8.24 -9.04 -12.89
CA LYS A 323 9.21 -9.73 -12.06
C LYS A 323 8.61 -11.05 -11.64
N LYS A 324 7.69 -11.00 -10.70
CA LYS A 324 7.05 -12.21 -10.18
C LYS A 324 6.80 -13.30 -11.21
N MET A 325 6.58 -12.96 -12.47
CA MET A 325 6.35 -14.01 -13.45
C MET A 325 7.67 -14.68 -13.82
N GLU A 326 8.73 -13.90 -13.99
CA GLU A 326 10.01 -14.47 -14.36
C GLU A 326 10.49 -15.50 -13.36
N ASP A 327 10.06 -15.34 -12.11
CA ASP A 327 10.44 -16.28 -11.07
C ASP A 327 9.30 -16.66 -10.13
N LEU A 335 -1.02 -19.18 -13.39
CA LEU A 335 -1.02 -18.97 -14.83
C LEU A 335 -1.31 -17.51 -15.11
N THR A 336 -0.39 -16.83 -15.80
CA THR A 336 -0.52 -15.43 -16.15
C THR A 336 -1.09 -15.13 -17.50
N LEU A 337 -2.08 -14.24 -17.53
CA LEU A 337 -2.69 -13.85 -18.78
C LEU A 337 -3.76 -12.81 -18.51
N ARG A 338 -4.09 -12.65 -17.24
CA ARG A 338 -5.06 -11.67 -16.84
C ARG A 338 -4.25 -10.39 -16.77
N ASP A 339 -2.96 -10.54 -16.58
CA ASP A 339 -2.11 -9.37 -16.50
C ASP A 339 -2.00 -8.95 -17.90
N VAL A 340 -2.26 -7.68 -18.11
CA VAL A 340 -2.23 -7.02 -19.39
C VAL A 340 -3.37 -6.08 -19.14
N TYR A 341 -4.37 -6.60 -18.42
CA TYR A 341 -5.51 -5.78 -18.09
C TYR A 341 -4.87 -4.71 -17.25
N ALA A 342 -4.32 -5.13 -16.12
CA ALA A 342 -3.65 -4.20 -15.26
C ALA A 342 -2.75 -3.34 -16.14
N GLN A 343 -1.81 -3.96 -16.84
CA GLN A 343 -0.92 -3.17 -17.68
C GLN A 343 -1.68 -2.21 -18.58
N ILE A 344 -2.63 -2.71 -19.37
CA ILE A 344 -3.41 -1.87 -20.28
C ILE A 344 -4.32 -0.90 -19.57
N ILE A 345 -4.90 -1.32 -18.47
CA ILE A 345 -5.76 -0.41 -17.75
C ILE A 345 -4.85 0.69 -17.29
N ALA A 346 -3.61 0.34 -16.97
CA ALA A 346 -2.67 1.33 -16.49
C ALA A 346 -2.38 2.40 -17.52
N LEU A 347 -1.86 2.00 -18.67
CA LEU A 347 -1.54 2.97 -19.70
C LEU A 347 -2.73 3.88 -19.92
N ARG A 348 -3.87 3.27 -20.16
CA ARG A 348 -5.08 4.02 -20.43
C ARG A 348 -5.33 5.10 -19.37
N LYS A 349 -4.91 4.87 -18.13
CA LYS A 349 -5.13 5.89 -17.11
C LYS A 349 -4.38 7.12 -17.53
N MET A 350 -3.23 6.91 -18.16
CA MET A 350 -2.42 8.01 -18.63
C MET A 350 -2.75 8.27 -20.09
N GLY A 351 -3.86 8.98 -20.33
CA GLY A 351 -4.28 9.30 -21.68
C GLY A 351 -4.36 8.11 -22.62
N PRO A 352 -5.43 7.97 -23.44
CA PRO A 352 -5.49 6.82 -24.35
C PRO A 352 -4.86 6.92 -25.73
N LEU A 353 -4.24 8.05 -26.04
CA LEU A 353 -3.61 8.27 -27.36
C LEU A 353 -2.13 7.86 -27.41
N SER A 354 -1.46 8.11 -28.53
CA SER A 354 -0.07 7.70 -28.61
C SER A 354 0.81 8.43 -27.60
N LYS A 355 0.48 9.69 -27.26
CA LYS A 355 1.30 10.46 -26.32
C LYS A 355 1.67 9.66 -25.10
N VAL A 356 1.26 8.42 -25.09
CA VAL A 356 1.57 7.56 -23.99
C VAL A 356 2.31 6.35 -24.47
N LEU A 357 1.99 5.89 -25.67
CA LEU A 357 2.63 4.73 -26.23
C LEU A 357 4.10 5.00 -26.44
N GLN A 358 4.45 6.18 -26.98
CA GLN A 358 5.87 6.49 -27.23
C GLN A 358 6.76 6.13 -26.04
N HIS A 359 6.28 6.37 -24.82
CA HIS A 359 7.04 6.03 -23.62
C HIS A 359 6.48 4.75 -23.02
N ILE A 360 5.51 4.18 -23.73
CA ILE A 360 4.91 2.90 -23.38
C ILE A 360 5.71 2.02 -24.32
N PRO A 361 6.88 1.59 -23.88
CA PRO A 361 7.72 0.74 -24.72
C PRO A 361 7.06 -0.64 -24.74
N GLY A 362 6.04 -0.79 -23.90
CA GLY A 362 5.32 -2.06 -23.81
C GLY A 362 5.47 -2.81 -22.51
N LEU A 363 4.68 -3.88 -22.38
CA LEU A 363 4.72 -4.73 -21.18
C LEU A 363 5.99 -5.58 -21.16
N GLY A 364 6.18 -6.42 -22.20
CA GLY A 364 7.34 -7.29 -22.27
C GLY A 364 8.30 -6.84 -21.21
N ILE A 365 8.97 -5.73 -21.53
CA ILE A 365 9.99 -4.98 -20.78
C ILE A 365 11.06 -4.78 -21.84
N MET A 366 11.38 -5.90 -22.51
CA MET A 366 12.40 -5.98 -23.65
C MET A 366 13.09 -7.42 -23.66
N LEU A 367 13.31 -8.05 -24.80
CA LEU A 367 13.89 -9.35 -24.86
C LEU A 367 14.40 -9.59 -26.41
N PRO A 368 14.45 -10.85 -26.75
CA PRO A 368 14.71 -11.28 -28.14
C PRO A 368 13.95 -10.44 -29.17
N THR A 369 14.42 -10.31 -30.28
CA THR A 369 13.74 -9.36 -31.25
C THR A 369 14.68 -9.04 -32.44
N PRO A 370 14.16 -8.84 -33.69
CA PRO A 370 15.24 -8.63 -34.65
C PRO A 370 16.02 -7.33 -34.39
N SER A 371 17.40 -7.40 -34.45
CA SER A 371 18.08 -6.12 -34.28
C SER A 371 17.45 -5.30 -33.18
N GLU A 372 17.10 -4.04 -33.48
CA GLU A 372 16.45 -3.09 -32.59
C GLU A 372 14.98 -2.68 -32.91
N ASP A 373 14.44 -3.18 -34.01
CA ASP A 373 13.04 -2.97 -34.40
C ASP A 373 12.31 -3.99 -33.55
N GLN A 374 11.11 -3.68 -33.04
CA GLN A 374 10.43 -4.65 -32.16
C GLN A 374 9.83 -5.90 -32.79
N LEU A 375 9.13 -6.71 -31.95
CA LEU A 375 8.50 -7.95 -32.41
C LEU A 375 7.03 -8.05 -31.99
N LYS A 376 6.13 -7.49 -32.84
CA LYS A 376 4.68 -7.57 -32.76
C LYS A 376 4.10 -6.30 -32.13
N ILE A 377 2.74 -6.14 -32.37
CA ILE A 377 1.89 -5.03 -31.89
C ILE A 377 1.97 -3.86 -32.89
N GLY A 378 1.23 -2.80 -32.59
CA GLY A 378 1.17 -1.60 -33.42
C GLY A 378 0.59 -0.58 -32.45
N GLU A 379 0.65 0.73 -32.75
CA GLU A 379 0.12 1.73 -31.82
C GLU A 379 -1.37 1.58 -31.60
N GLU A 380 -2.06 1.29 -32.68
CA GLU A 380 -3.47 1.13 -32.58
C GLU A 380 -3.75 -0.23 -31.91
N LYS A 381 -2.85 -1.20 -32.06
CA LYS A 381 -2.99 -2.56 -31.44
C LYS A 381 -3.38 -2.44 -29.96
N ILE A 382 -3.80 -1.22 -29.60
CA ILE A 382 -4.24 -0.81 -28.27
C ILE A 382 -5.69 -1.24 -27.94
N ARG A 383 -6.66 -0.73 -28.70
CA ARG A 383 -8.04 -1.11 -28.47
C ARG A 383 -8.19 -2.49 -29.07
N ARG A 384 -7.13 -3.25 -28.89
CA ARG A 384 -7.07 -4.58 -29.36
C ARG A 384 -6.71 -5.31 -28.09
N TRP A 385 -5.59 -4.98 -27.46
CA TRP A 385 -5.30 -5.64 -26.21
C TRP A 385 -6.60 -5.70 -25.48
N LEU A 386 -7.24 -4.54 -25.38
CA LEU A 386 -8.53 -4.45 -24.73
C LEU A 386 -9.46 -5.52 -25.26
N ALA A 387 -9.54 -5.62 -26.59
CA ALA A 387 -10.42 -6.61 -27.21
C ALA A 387 -10.86 -7.63 -26.18
N ALA A 388 -10.01 -8.61 -25.91
CA ALA A 388 -10.34 -9.64 -24.94
C ALA A 388 -10.54 -8.89 -23.67
N LEU A 389 -10.09 -9.45 -22.55
CA LEU A 389 -10.25 -8.75 -21.30
C LEU A 389 -11.74 -8.83 -21.07
N ASN A 390 -12.43 -7.75 -21.41
CA ASN A 390 -13.87 -7.79 -21.31
C ASN A 390 -14.35 -9.11 -21.97
N SER A 391 -13.62 -9.60 -22.95
CA SER A 391 -14.04 -10.83 -23.57
C SER A 391 -13.52 -11.97 -22.72
N MET A 392 -13.78 -11.90 -21.42
CA MET A 392 -13.31 -12.93 -20.48
C MET A 392 -13.88 -12.84 -19.09
N THR A 393 -13.96 -13.94 -18.41
CA THR A 393 -14.43 -13.90 -17.06
C THR A 393 -13.11 -14.14 -16.36
N TYR A 394 -13.04 -13.97 -15.05
CA TYR A 394 -11.78 -14.20 -14.34
C TYR A 394 -11.28 -15.61 -14.49
N LYS A 395 -12.18 -16.57 -14.56
CA LYS A 395 -11.70 -17.91 -14.68
C LYS A 395 -10.88 -17.95 -15.92
N GLU A 396 -11.35 -17.30 -16.96
CA GLU A 396 -10.63 -17.31 -18.22
C GLU A 396 -9.32 -16.52 -18.19
N LEU A 397 -9.25 -15.46 -17.40
CA LEU A 397 -8.04 -14.66 -17.36
C LEU A 397 -6.95 -15.28 -16.51
N GLU A 398 -7.24 -16.40 -15.87
CA GLU A 398 -6.23 -17.04 -15.04
C GLU A 398 -5.68 -18.30 -15.71
N ASN A 399 -6.42 -18.86 -16.64
CA ASN A 399 -6.00 -20.08 -17.33
C ASN A 399 -6.44 -20.08 -18.79
N PRO A 400 -5.93 -19.16 -19.60
CA PRO A 400 -6.33 -19.12 -20.99
C PRO A 400 -6.65 -20.45 -21.64
N ASN A 401 -5.87 -21.47 -21.33
CA ASN A 401 -6.09 -22.78 -21.94
C ASN A 401 -7.54 -23.24 -21.98
N ILE A 402 -8.39 -22.65 -21.14
CA ILE A 402 -9.79 -23.04 -21.11
C ILE A 402 -10.58 -22.20 -22.08
N ILE A 403 -9.88 -21.57 -23.02
CA ILE A 403 -10.55 -20.73 -24.01
C ILE A 403 -10.66 -21.47 -25.33
N ASP A 404 -11.82 -22.03 -25.62
CA ASP A 404 -12.00 -22.76 -26.87
C ASP A 404 -13.00 -22.09 -27.79
N LYS A 405 -13.44 -22.84 -28.77
CA LYS A 405 -14.37 -22.37 -29.76
C LYS A 405 -15.53 -21.52 -29.24
N SER A 406 -16.51 -22.17 -28.65
CA SER A 406 -17.67 -21.44 -28.17
C SER A 406 -17.19 -20.18 -27.48
N ARG A 407 -16.40 -20.31 -26.43
CA ARG A 407 -15.92 -19.14 -25.72
C ARG A 407 -15.20 -18.09 -26.56
N MET A 408 -14.50 -18.48 -27.61
CA MET A 408 -13.81 -17.49 -28.41
C MET A 408 -14.79 -16.60 -29.15
N ARG A 409 -15.93 -17.19 -29.50
CA ARG A 409 -16.95 -16.44 -30.21
C ARG A 409 -17.56 -15.39 -29.30
N ARG A 410 -18.01 -15.83 -28.11
CA ARG A 410 -18.60 -14.92 -27.11
C ARG A 410 -17.59 -13.82 -26.90
N ILE A 411 -16.38 -14.26 -26.59
CA ILE A 411 -15.29 -13.35 -26.37
C ILE A 411 -15.24 -12.37 -27.51
N ALA A 412 -15.19 -12.89 -28.72
CA ALA A 412 -15.14 -12.07 -29.92
C ALA A 412 -16.22 -11.01 -29.89
N GLU A 413 -17.43 -11.43 -30.23
CA GLU A 413 -18.58 -10.55 -30.25
C GLU A 413 -18.69 -9.57 -29.09
N GLY A 414 -18.25 -9.98 -27.90
CA GLY A 414 -18.35 -9.11 -26.75
C GLY A 414 -17.42 -7.91 -26.79
N SER A 415 -16.46 -7.96 -27.71
CA SER A 415 -15.47 -6.90 -27.86
C SER A 415 -15.55 -6.17 -29.19
N GLY A 416 -16.26 -6.75 -30.15
CA GLY A 416 -16.40 -6.12 -31.45
C GLY A 416 -15.45 -6.64 -32.53
N LEU A 417 -14.69 -7.68 -32.20
CA LEU A 417 -13.76 -8.25 -33.16
C LEU A 417 -14.26 -9.57 -33.67
N GLU A 418 -13.42 -10.21 -34.45
CA GLU A 418 -13.74 -11.50 -35.03
C GLU A 418 -12.85 -12.57 -34.44
N VAL A 419 -13.37 -13.79 -34.41
CA VAL A 419 -12.68 -14.93 -33.85
C VAL A 419 -11.17 -14.87 -34.09
N GLU A 420 -10.73 -14.75 -35.33
CA GLU A 420 -9.30 -14.69 -35.57
C GLU A 420 -8.59 -13.65 -34.69
N GLU A 421 -9.20 -12.51 -34.43
CA GLU A 421 -8.54 -11.52 -33.59
C GLU A 421 -8.22 -12.10 -32.23
N VAL A 422 -9.19 -12.68 -31.54
CA VAL A 422 -8.91 -13.28 -30.23
C VAL A 422 -7.84 -14.33 -30.38
N ARG A 423 -7.77 -14.93 -31.56
CA ARG A 423 -6.78 -15.98 -31.77
C ARG A 423 -5.41 -15.33 -31.81
N GLU A 424 -5.31 -14.21 -32.52
CA GLU A 424 -4.03 -13.52 -32.62
C GLU A 424 -3.73 -13.14 -31.19
N LEU A 425 -4.59 -12.36 -30.57
CA LEU A 425 -4.31 -11.99 -29.21
C LEU A 425 -3.78 -13.21 -28.46
N LEU A 426 -4.63 -14.21 -28.22
CA LEU A 426 -4.18 -15.40 -27.50
C LEU A 426 -2.86 -16.02 -27.94
N GLU A 427 -2.47 -15.85 -29.21
CA GLU A 427 -1.20 -16.46 -29.59
C GLU A 427 -0.06 -15.57 -29.19
N TRP A 428 -0.31 -14.28 -29.12
CA TRP A 428 0.73 -13.36 -28.70
C TRP A 428 0.96 -13.68 -27.23
N TYR A 429 -0.10 -13.55 -26.44
CA TYR A 429 -0.04 -13.82 -25.01
C TYR A 429 0.79 -15.05 -24.80
N ASN A 430 0.38 -16.15 -25.41
CA ASN A 430 1.15 -17.37 -25.22
C ASN A 430 2.61 -17.14 -25.61
N ASN A 431 2.89 -16.34 -26.63
CA ASN A 431 4.27 -16.12 -27.04
C ASN A 431 5.04 -15.32 -26.00
N MET A 432 4.32 -14.47 -25.28
CA MET A 432 4.94 -13.68 -24.24
C MET A 432 5.17 -14.59 -23.02
N ASN A 433 4.14 -15.31 -22.60
CA ASN A 433 4.25 -16.21 -21.45
C ASN A 433 5.32 -17.23 -21.67
N ARG A 434 5.51 -17.63 -22.92
CA ARG A 434 6.54 -18.60 -23.23
C ARG A 434 7.87 -17.92 -23.02
N LEU A 435 7.93 -16.61 -23.28
CA LEU A 435 9.18 -15.87 -23.07
C LEU A 435 9.48 -15.69 -21.61
N LEU A 436 8.61 -14.98 -20.93
CA LEU A 436 8.82 -14.75 -19.51
C LEU A 436 9.34 -16.06 -18.94
N LYS A 437 8.58 -17.13 -19.09
CA LYS A 437 9.03 -18.42 -18.60
C LYS A 437 10.50 -18.63 -19.00
N MET A 438 10.73 -18.78 -20.30
CA MET A 438 12.07 -19.03 -20.83
C MET A 438 13.17 -18.29 -20.13
N VAL A 439 12.89 -17.04 -19.80
CA VAL A 439 13.86 -16.19 -19.14
C VAL A 439 14.72 -16.91 -18.12
N LYS A 440 14.20 -17.98 -17.53
CA LYS A 440 14.92 -18.77 -16.54
C LYS A 440 13.98 -19.73 -15.85
N MET B 9 20.54 -19.34 7.69
CA MET B 9 19.63 -19.15 8.84
C MET B 9 18.17 -19.44 8.46
N LEU B 10 17.61 -18.71 7.50
CA LEU B 10 16.20 -18.93 7.10
C LEU B 10 15.81 -20.40 7.05
N GLU B 11 16.66 -21.21 6.51
CA GLU B 11 16.34 -22.62 6.46
C GLU B 11 16.34 -23.14 7.90
N ASN B 12 17.13 -22.56 8.79
CA ASN B 12 17.09 -23.05 10.16
C ASN B 12 15.82 -22.55 10.85
N ILE B 13 15.44 -21.29 10.63
CA ILE B 13 14.24 -20.77 11.27
C ILE B 13 13.03 -21.54 10.77
N ARG B 14 13.21 -22.25 9.67
CA ARG B 14 12.09 -23.00 9.13
C ARG B 14 11.80 -24.21 10.01
N ASP B 15 12.83 -24.82 10.58
CA ASP B 15 12.60 -25.98 11.43
C ASP B 15 12.25 -25.54 12.84
N ALA B 16 12.46 -24.27 13.16
CA ALA B 16 12.13 -23.76 14.49
C ALA B 16 10.70 -23.36 14.57
N VAL B 17 10.05 -23.20 13.42
CA VAL B 17 8.66 -22.82 13.40
C VAL B 17 7.81 -24.07 13.30
N ARG B 18 8.40 -25.12 12.76
CA ARG B 18 7.69 -26.36 12.63
C ARG B 18 7.51 -26.93 14.03
N LYS B 19 8.51 -26.74 14.87
CA LYS B 19 8.45 -27.25 16.25
C LYS B 19 7.63 -26.36 17.19
N PHE B 20 7.10 -25.25 16.68
CA PHE B 20 6.32 -24.32 17.50
C PHE B 20 4.89 -24.34 17.07
N LEU B 21 4.68 -24.74 15.84
CA LEU B 21 3.36 -24.82 15.29
C LEU B 21 2.74 -26.11 15.78
N THR B 22 3.55 -27.16 15.86
CA THR B 22 3.09 -28.46 16.27
C THR B 22 2.77 -28.63 17.77
N GLY B 23 2.02 -27.65 18.30
CA GLY B 23 1.59 -27.63 19.70
C GLY B 23 2.11 -28.55 20.80
N SER B 24 3.42 -28.65 20.96
CA SER B 24 4.03 -29.49 21.99
C SER B 24 3.63 -29.12 23.43
N THR B 25 4.40 -28.21 24.00
CA THR B 25 4.23 -27.72 25.36
C THR B 25 3.30 -26.51 25.40
N PRO B 26 3.16 -25.83 26.56
CA PRO B 26 2.25 -24.69 26.51
C PRO B 26 2.61 -23.66 25.46
N TYR B 27 1.88 -22.57 25.47
CA TYR B 27 2.14 -21.47 24.55
C TYR B 27 3.31 -20.66 25.11
N GLU B 28 3.13 -20.07 26.26
CA GLU B 28 4.11 -19.20 26.90
C GLU B 28 5.50 -19.82 26.86
N LYS B 29 5.71 -21.08 27.14
CA LYS B 29 7.07 -21.61 27.06
C LYS B 29 7.44 -21.83 25.61
N ALA B 30 6.45 -22.10 24.76
CA ALA B 30 6.75 -22.33 23.34
C ALA B 30 7.36 -21.08 22.69
N VAL B 31 6.72 -19.93 22.87
CA VAL B 31 7.25 -18.70 22.30
C VAL B 31 8.63 -18.53 22.87
N ASP B 32 8.73 -18.51 24.19
CA ASP B 32 10.03 -18.37 24.82
C ASP B 32 10.98 -19.26 24.02
N GLU B 33 10.78 -20.57 24.11
CA GLU B 33 11.63 -21.52 23.41
C GLU B 33 11.86 -21.01 21.99
N PHE B 34 10.80 -20.63 21.30
CA PHE B 34 10.95 -20.11 19.95
C PHE B 34 11.89 -18.94 19.97
N ILE B 35 11.56 -17.94 20.78
CA ILE B 35 12.39 -16.77 20.84
C ILE B 35 13.81 -17.15 21.20
N LYS B 36 13.98 -18.13 22.08
CA LYS B 36 15.33 -18.51 22.43
C LYS B 36 16.11 -19.13 21.28
N ASP B 37 15.40 -19.62 20.25
CA ASP B 37 16.06 -20.23 19.10
C ASP B 37 16.19 -19.28 17.92
N LEU B 38 15.46 -18.18 17.98
CA LEU B 38 15.54 -17.18 16.94
C LEU B 38 16.80 -16.42 17.30
N GLN B 39 16.81 -15.82 18.47
CA GLN B 39 17.97 -15.06 18.92
C GLN B 39 19.25 -15.84 18.68
N LYS B 40 19.25 -17.15 18.92
CA LYS B 40 20.46 -17.97 18.74
C LYS B 40 20.91 -18.28 17.31
N SER B 41 20.02 -18.19 16.35
CA SER B 41 20.45 -18.45 14.99
C SER B 41 20.91 -17.10 14.42
N LEU B 42 20.13 -16.06 14.63
CA LEU B 42 20.47 -14.71 14.16
C LEU B 42 21.90 -14.33 14.59
N ILE B 43 22.18 -14.38 15.89
CA ILE B 43 23.51 -14.06 16.38
C ILE B 43 24.44 -14.91 15.58
N SER B 44 24.15 -16.21 15.56
CA SER B 44 24.98 -17.12 14.83
C SER B 44 25.30 -16.51 13.49
N SER B 45 24.28 -16.08 12.75
CA SER B 45 24.53 -15.49 11.45
C SER B 45 25.30 -14.17 11.45
N ASP B 46 25.74 -13.73 12.62
CA ASP B 46 26.52 -12.49 12.76
C ASP B 46 25.76 -11.16 12.69
N VAL B 47 24.46 -11.18 12.91
CA VAL B 47 23.64 -9.96 12.88
C VAL B 47 24.01 -9.13 14.10
N ASN B 48 23.94 -7.81 14.03
CA ASN B 48 24.30 -7.06 15.22
C ASN B 48 23.42 -7.57 16.34
N VAL B 49 24.02 -7.73 17.52
CA VAL B 49 23.26 -8.17 18.69
C VAL B 49 22.33 -7.07 19.19
N LYS B 50 22.42 -5.90 18.55
CA LYS B 50 21.55 -4.79 18.94
C LYS B 50 20.34 -4.83 18.02
N LEU B 51 20.44 -5.61 16.95
CA LEU B 51 19.32 -5.73 16.04
C LEU B 51 18.52 -6.91 16.50
N VAL B 52 19.23 -7.95 16.90
CA VAL B 52 18.58 -9.14 17.39
C VAL B 52 17.72 -8.87 18.61
N PHE B 53 18.17 -7.97 19.49
CA PHE B 53 17.44 -7.65 20.69
C PHE B 53 16.25 -6.74 20.43
N SER B 54 16.29 -5.81 19.47
CA SER B 54 15.13 -4.95 19.23
C SER B 54 14.08 -5.70 18.46
N LEU B 55 14.47 -6.83 17.88
CA LEU B 55 13.55 -7.65 17.12
C LEU B 55 12.70 -8.43 18.12
N THR B 56 13.32 -9.42 18.77
CA THR B 56 12.60 -10.24 19.73
C THR B 56 11.95 -9.41 20.82
N ALA B 57 12.16 -8.09 20.81
CA ALA B 57 11.54 -7.21 21.82
C ALA B 57 10.45 -6.39 21.14
N LYS B 58 10.45 -6.42 19.82
CA LYS B 58 9.47 -5.72 19.04
C LYS B 58 8.43 -6.77 18.72
N ILE B 59 8.85 -8.03 18.74
CA ILE B 59 7.93 -9.13 18.47
C ILE B 59 7.03 -9.40 19.66
N LYS B 60 7.57 -9.29 20.86
CA LYS B 60 6.77 -9.55 22.01
C LYS B 60 5.79 -8.40 22.29
N GLU B 61 6.20 -7.18 21.98
CA GLU B 61 5.35 -6.00 22.21
C GLU B 61 4.09 -6.13 21.41
N ARG B 62 4.25 -6.49 20.14
CA ARG B 62 3.12 -6.66 19.25
C ARG B 62 2.27 -7.85 19.69
N LEU B 63 2.91 -8.85 20.27
CA LEU B 63 2.24 -10.06 20.72
C LEU B 63 1.39 -9.74 21.95
N ASN B 64 1.64 -8.57 22.53
CA ASN B 64 0.92 -8.08 23.71
C ASN B 64 -0.12 -7.02 23.32
N LYS B 65 0.07 -6.38 22.17
CA LYS B 65 -0.83 -5.34 21.70
C LYS B 65 -1.81 -5.74 20.62
N GLU B 66 -1.43 -6.72 19.81
CA GLU B 66 -2.23 -7.16 18.69
C GLU B 66 -2.78 -8.59 18.77
N LYS B 67 -3.81 -8.78 19.59
CA LYS B 67 -4.42 -10.10 19.74
C LYS B 67 -4.69 -10.63 18.33
N PRO B 68 -4.89 -11.95 18.19
CA PRO B 68 -5.15 -12.49 16.85
C PRO B 68 -6.54 -12.15 16.30
N PRO B 69 -6.66 -11.86 14.98
CA PRO B 69 -7.98 -11.56 14.41
C PRO B 69 -8.86 -12.81 14.52
N SER B 70 -10.13 -12.68 14.89
CA SER B 70 -10.99 -13.85 15.03
C SER B 70 -10.61 -14.90 13.98
N VAL B 71 -10.82 -16.16 14.33
CA VAL B 71 -10.51 -17.28 13.44
C VAL B 71 -9.03 -17.58 13.30
N LEU B 72 -8.19 -16.74 13.88
CA LEU B 72 -6.76 -16.99 13.78
C LEU B 72 -6.27 -17.76 14.96
N GLU B 73 -5.38 -18.69 14.69
CA GLU B 73 -4.87 -19.47 15.78
C GLU B 73 -3.84 -18.63 16.46
N ARG B 74 -3.80 -18.73 17.77
CA ARG B 74 -2.82 -18.00 18.55
C ARG B 74 -1.46 -18.35 17.97
N LYS B 75 -1.18 -19.64 17.93
CA LYS B 75 0.10 -20.10 17.42
C LYS B 75 0.33 -19.74 15.97
N GLU B 76 -0.67 -19.21 15.28
CA GLU B 76 -0.48 -18.87 13.89
C GLU B 76 -0.30 -17.39 13.73
N TRP B 77 -0.73 -16.66 14.75
CA TRP B 77 -0.64 -15.22 14.76
C TRP B 77 0.72 -14.77 15.16
N PHE B 78 1.32 -15.54 16.05
CA PHE B 78 2.63 -15.22 16.51
C PHE B 78 3.50 -15.34 15.29
N ILE B 79 3.72 -16.56 14.81
CA ILE B 79 4.56 -16.77 13.65
C ILE B 79 4.33 -15.63 12.71
N SER B 80 3.07 -15.42 12.35
CA SER B 80 2.65 -14.36 11.43
C SER B 80 3.41 -13.06 11.70
N ILE B 81 3.48 -12.71 12.96
CA ILE B 81 4.14 -11.50 13.35
C ILE B 81 5.63 -11.59 13.16
N VAL B 82 6.16 -12.77 13.40
CA VAL B 82 7.58 -12.96 13.26
C VAL B 82 8.03 -12.57 11.86
N TYR B 83 7.57 -13.28 10.83
CA TYR B 83 8.00 -12.97 9.47
C TYR B 83 7.97 -11.46 9.29
N ASP B 84 6.81 -10.86 9.43
CA ASP B 84 6.71 -9.42 9.29
C ASP B 84 7.99 -8.83 9.79
N GLU B 85 8.25 -9.00 11.07
CA GLU B 85 9.45 -8.43 11.62
C GLU B 85 10.68 -8.92 10.90
N LEU B 86 10.87 -10.23 10.79
CA LEU B 86 12.07 -10.67 10.09
C LEU B 86 12.15 -9.80 8.83
N SER B 87 11.07 -9.69 8.08
CA SER B 87 11.14 -8.86 6.89
C SER B 87 11.75 -7.50 7.25
N LYS B 88 11.07 -6.73 8.06
CA LYS B 88 11.57 -5.42 8.40
C LYS B 88 13.04 -5.48 8.80
N LEU B 89 13.46 -6.60 9.35
CA LEU B 89 14.84 -6.76 9.75
C LEU B 89 15.70 -6.54 8.53
N PHE B 90 15.36 -7.22 7.45
CA PHE B 90 16.10 -7.15 6.19
C PHE B 90 15.68 -6.05 5.25
N GLY B 91 15.01 -5.02 5.75
CA GLY B 91 14.64 -3.95 4.85
C GLY B 91 13.19 -3.92 4.48
N GLY B 92 12.46 -4.86 5.04
CA GLY B 92 11.04 -4.90 4.80
C GLY B 92 10.57 -4.86 3.37
N ASP B 93 9.25 -4.96 3.26
CA ASP B 93 8.56 -4.98 2.01
C ASP B 93 8.78 -3.76 1.09
N LYS B 94 9.59 -3.96 0.07
CA LYS B 94 9.92 -2.94 -0.94
C LYS B 94 10.39 -3.70 -2.18
N GLU B 95 9.94 -3.31 -3.37
CA GLU B 95 10.32 -4.00 -4.60
C GLU B 95 11.09 -3.04 -5.52
N PRO B 96 12.42 -2.99 -5.38
CA PRO B 96 13.27 -2.12 -6.19
C PRO B 96 12.93 -2.07 -7.65
N ASN B 97 13.22 -0.94 -8.28
CA ASN B 97 12.96 -0.77 -9.69
C ASN B 97 14.21 -1.33 -10.36
N VAL B 98 14.05 -2.38 -11.15
CA VAL B 98 15.18 -3.02 -11.82
C VAL B 98 15.27 -2.77 -13.32
N ASN B 99 14.18 -2.30 -13.90
CA ASN B 99 14.16 -1.98 -15.32
C ASN B 99 14.21 -0.48 -15.48
N PRO B 100 15.36 0.02 -15.89
CA PRO B 100 15.53 1.45 -16.07
C PRO B 100 14.59 1.97 -17.17
N THR B 101 14.43 3.29 -17.28
CA THR B 101 13.59 3.87 -18.35
C THR B 101 14.31 5.04 -19.07
N LYS B 102 15.56 5.32 -18.66
CA LYS B 102 16.41 6.33 -19.28
C LYS B 102 17.48 5.66 -20.15
N LEU B 103 17.15 5.30 -21.37
CA LEU B 103 18.12 4.69 -22.27
C LEU B 103 18.98 5.72 -22.99
N PRO B 104 20.29 5.50 -23.00
CA PRO B 104 21.00 4.35 -22.44
C PRO B 104 21.19 4.50 -20.94
N PHE B 105 21.77 3.49 -20.29
CA PHE B 105 22.02 3.53 -18.85
C PHE B 105 23.42 3.14 -18.45
N ILE B 106 24.08 3.97 -17.66
CA ILE B 106 25.42 3.66 -17.22
C ILE B 106 25.38 3.21 -15.79
N ILE B 107 25.72 1.94 -15.55
CA ILE B 107 25.77 1.40 -14.19
C ILE B 107 27.22 1.12 -13.84
N MET B 108 27.71 1.81 -12.83
CA MET B 108 29.08 1.64 -12.41
C MET B 108 29.05 0.66 -11.27
N LEU B 109 29.86 -0.38 -11.36
CA LEU B 109 29.97 -1.37 -10.29
C LEU B 109 31.20 -0.99 -9.47
N VAL B 110 31.03 -0.92 -8.15
CA VAL B 110 32.10 -0.55 -7.24
C VAL B 110 32.07 -1.35 -5.97
N GLY B 111 33.22 -1.47 -5.33
CA GLY B 111 33.32 -2.19 -4.07
C GLY B 111 34.71 -2.66 -3.75
N VAL B 112 34.86 -3.25 -2.57
CA VAL B 112 36.15 -3.76 -2.14
C VAL B 112 36.53 -4.89 -3.05
N GLN B 113 37.76 -5.35 -2.93
CA GLN B 113 38.29 -6.44 -3.74
C GLN B 113 37.51 -7.72 -3.53
N GLY B 114 37.41 -8.50 -4.59
CA GLY B 114 36.72 -9.77 -4.51
C GLY B 114 35.50 -9.66 -3.63
N SER B 115 34.38 -9.49 -4.30
CA SER B 115 33.10 -9.35 -3.64
C SER B 115 32.16 -9.96 -4.64
N GLY B 116 32.63 -11.01 -5.29
CA GLY B 116 31.77 -11.58 -6.30
C GLY B 116 31.76 -10.49 -7.34
N LYS B 117 32.78 -9.66 -7.26
CA LYS B 117 32.93 -8.56 -8.19
C LYS B 117 33.72 -9.00 -9.39
N THR B 118 33.06 -9.02 -10.53
CA THR B 118 33.63 -9.41 -11.81
C THR B 118 32.73 -10.51 -12.34
N THR B 119 32.13 -11.27 -11.43
CA THR B 119 31.20 -12.31 -11.85
C THR B 119 29.87 -11.58 -11.82
N THR B 120 29.76 -10.63 -10.91
CA THR B 120 28.53 -9.85 -10.77
C THR B 120 28.28 -9.01 -12.02
N ALA B 121 29.33 -8.41 -12.57
CA ALA B 121 29.18 -7.60 -13.76
C ALA B 121 28.78 -8.54 -14.90
N GLY B 122 29.01 -9.82 -14.67
CA GLY B 122 28.65 -10.81 -15.66
C GLY B 122 27.17 -10.98 -15.44
N LYS B 123 26.82 -11.71 -14.39
CA LYS B 123 25.42 -11.95 -14.06
C LYS B 123 24.64 -10.70 -14.42
N LEU B 124 24.98 -9.59 -13.79
CA LEU B 124 24.27 -8.35 -14.07
C LEU B 124 24.06 -8.14 -15.54
N ALA B 125 25.15 -8.04 -16.30
CA ALA B 125 25.06 -7.88 -17.73
C ALA B 125 24.05 -8.91 -18.18
N TYR B 126 24.31 -10.17 -17.89
CA TYR B 126 23.42 -11.26 -18.27
C TYR B 126 21.98 -10.87 -17.98
N PHE B 127 21.66 -10.66 -16.70
CA PHE B 127 20.29 -10.30 -16.35
C PHE B 127 19.70 -9.29 -17.30
N TYR B 128 20.44 -8.23 -17.57
CA TYR B 128 19.90 -7.21 -18.46
C TYR B 128 19.88 -7.66 -19.93
N LYS B 129 20.71 -8.62 -20.32
CA LYS B 129 20.66 -9.04 -21.70
C LYS B 129 19.43 -9.85 -21.83
N LYS B 130 19.20 -10.73 -20.87
CA LYS B 130 18.01 -11.54 -20.93
C LYS B 130 16.80 -10.64 -21.04
N ARG B 131 16.76 -9.52 -20.37
CA ARG B 131 15.58 -8.70 -20.54
C ARG B 131 15.70 -8.00 -21.93
N GLY B 132 16.38 -8.67 -22.84
CA GLY B 132 16.54 -8.18 -24.19
C GLY B 132 17.18 -6.82 -24.41
N TYR B 133 17.92 -6.34 -23.42
CA TYR B 133 18.63 -5.07 -23.55
C TYR B 133 20.03 -5.21 -24.15
N LYS B 134 20.38 -4.27 -24.99
CA LYS B 134 21.70 -4.24 -25.58
C LYS B 134 22.65 -3.68 -24.51
N VAL B 135 23.46 -4.58 -23.99
CA VAL B 135 24.43 -4.29 -22.94
C VAL B 135 25.86 -4.30 -23.44
N GLY B 136 26.72 -3.56 -22.76
CA GLY B 136 28.12 -3.52 -23.11
C GLY B 136 28.90 -3.45 -21.83
N LEU B 137 29.72 -4.46 -21.54
CA LEU B 137 30.49 -4.43 -20.29
C LEU B 137 31.79 -3.69 -20.39
N VAL B 138 32.17 -2.99 -19.33
CA VAL B 138 33.44 -2.26 -19.35
C VAL B 138 34.40 -2.70 -18.30
N ALA B 139 35.41 -3.47 -18.69
CA ALA B 139 36.37 -3.93 -17.70
C ALA B 139 37.33 -2.84 -17.26
N ALA B 140 37.15 -2.37 -16.03
CA ALA B 140 38.02 -1.37 -15.48
C ALA B 140 38.44 -1.75 -14.06
N ASP B 141 38.78 -3.02 -13.88
CA ASP B 141 39.22 -3.53 -12.59
C ASP B 141 40.66 -3.98 -12.80
N VAL B 142 41.53 -3.03 -13.12
CA VAL B 142 42.93 -3.31 -13.39
C VAL B 142 43.80 -3.85 -12.26
N TYR B 143 43.41 -3.73 -11.01
CA TYR B 143 44.29 -4.24 -9.96
C TYR B 143 44.40 -5.78 -9.98
N ARG B 144 43.32 -6.49 -10.33
CA ARG B 144 43.43 -7.96 -10.46
C ARG B 144 43.76 -8.17 -11.94
N PRO B 145 44.93 -8.71 -12.25
CA PRO B 145 45.13 -8.86 -13.69
C PRO B 145 44.13 -9.82 -14.31
N ALA B 146 43.81 -10.87 -13.58
CA ALA B 146 42.90 -11.89 -14.08
C ALA B 146 41.47 -11.42 -14.15
N ALA B 147 41.17 -10.20 -13.72
CA ALA B 147 39.78 -9.73 -13.79
C ALA B 147 39.32 -9.44 -15.23
N TYR B 148 40.24 -9.05 -16.11
CA TYR B 148 39.87 -8.77 -17.51
C TYR B 148 39.60 -10.04 -18.29
N ASP B 149 40.64 -10.85 -18.49
CA ASP B 149 40.48 -12.09 -19.24
C ASP B 149 39.31 -12.93 -18.70
N GLN B 150 38.81 -12.57 -17.52
CA GLN B 150 37.68 -13.25 -16.89
C GLN B 150 36.43 -12.64 -17.47
N LEU B 151 36.37 -11.31 -17.53
CA LEU B 151 35.21 -10.61 -18.06
C LEU B 151 35.02 -10.86 -19.56
N LEU B 152 36.12 -11.03 -20.28
CA LEU B 152 36.05 -11.28 -21.71
C LEU B 152 35.46 -12.65 -21.92
N GLN B 153 35.78 -13.56 -21.01
CA GLN B 153 35.25 -14.90 -21.10
C GLN B 153 33.72 -14.83 -20.99
N LEU B 154 33.20 -14.44 -19.82
CA LEU B 154 31.75 -14.35 -19.63
C LEU B 154 31.06 -13.67 -20.80
N GLY B 155 31.53 -12.49 -21.18
CA GLY B 155 30.93 -11.76 -22.29
C GLY B 155 30.73 -12.58 -23.55
N ASN B 156 31.78 -13.28 -23.97
CA ASN B 156 31.67 -14.12 -25.14
C ASN B 156 30.72 -15.26 -24.74
N GLN B 157 30.69 -15.61 -23.45
CA GLN B 157 29.82 -16.70 -23.01
C GLN B 157 28.36 -16.26 -22.90
N ILE B 158 28.08 -14.96 -22.79
CA ILE B 158 26.67 -14.54 -22.72
C ILE B 158 26.34 -13.60 -23.85
N GLY B 159 27.20 -13.62 -24.87
CA GLY B 159 27.01 -12.81 -26.04
C GLY B 159 26.99 -11.33 -25.79
N VAL B 160 27.70 -10.87 -24.77
CA VAL B 160 27.71 -9.45 -24.54
C VAL B 160 29.08 -8.91 -24.84
N GLN B 161 29.12 -7.73 -25.43
CA GLN B 161 30.39 -7.12 -25.77
C GLN B 161 31.13 -6.65 -24.52
N VAL B 162 32.44 -6.80 -24.54
CA VAL B 162 33.29 -6.38 -23.43
C VAL B 162 34.37 -5.44 -23.94
N TYR B 163 34.49 -4.27 -23.31
CA TYR B 163 35.50 -3.29 -23.70
C TYR B 163 36.56 -3.11 -22.61
N GLY B 164 37.77 -3.58 -22.89
CA GLY B 164 38.86 -3.48 -21.93
C GLY B 164 40.19 -3.22 -22.59
N GLU B 165 41.17 -2.78 -21.81
CA GLU B 165 42.49 -2.45 -22.32
C GLU B 165 43.57 -3.18 -21.52
N PRO B 166 43.84 -4.44 -21.85
CA PRO B 166 44.83 -5.23 -21.13
C PRO B 166 46.07 -4.49 -20.63
N ASN B 167 46.53 -4.96 -19.47
CA ASN B 167 47.69 -4.45 -18.76
C ASN B 167 47.48 -3.05 -18.22
N ASN B 168 46.86 -2.19 -19.03
CA ASN B 168 46.59 -0.82 -18.64
C ASN B 168 46.13 -0.73 -17.20
N GLN B 169 46.65 0.27 -16.50
CA GLN B 169 46.31 0.46 -15.12
C GLN B 169 45.59 1.74 -14.85
N ASN B 170 45.22 2.45 -15.91
CA ASN B 170 44.49 3.67 -15.71
C ASN B 170 43.01 3.36 -15.73
N PRO B 171 42.40 3.21 -14.55
CA PRO B 171 40.99 2.91 -14.59
C PRO B 171 40.24 4.01 -15.31
N ILE B 172 40.19 5.18 -14.70
CA ILE B 172 39.47 6.29 -15.30
C ILE B 172 39.54 6.24 -16.83
N GLU B 173 40.75 6.36 -17.32
CA GLU B 173 40.92 6.32 -18.75
C GLU B 173 40.09 5.16 -19.30
N ILE B 174 40.34 3.94 -18.84
CA ILE B 174 39.58 2.81 -19.33
C ILE B 174 38.09 3.05 -19.29
N ALA B 175 37.54 3.33 -18.11
CA ALA B 175 36.12 3.57 -17.99
C ALA B 175 35.65 4.61 -18.99
N LYS B 176 36.45 5.65 -19.18
CA LYS B 176 36.07 6.69 -20.11
C LYS B 176 36.00 6.14 -21.52
N LYS B 177 37.09 5.51 -21.98
CA LYS B 177 37.14 4.96 -23.34
C LYS B 177 36.13 3.85 -23.57
N GLY B 178 35.70 3.23 -22.49
CA GLY B 178 34.74 2.16 -22.64
C GLY B 178 33.36 2.72 -22.83
N VAL B 179 32.91 3.45 -21.83
CA VAL B 179 31.59 4.04 -21.89
C VAL B 179 31.42 4.88 -23.15
N ASP B 180 32.40 5.70 -23.50
CA ASP B 180 32.28 6.51 -24.71
C ASP B 180 32.08 5.59 -25.91
N ILE B 181 32.75 4.45 -25.93
CA ILE B 181 32.61 3.57 -27.07
C ILE B 181 31.23 2.91 -27.09
N PHE B 182 30.69 2.53 -25.93
CA PHE B 182 29.37 1.86 -25.84
C PHE B 182 28.16 2.76 -25.95
N VAL B 183 28.40 4.05 -25.89
CA VAL B 183 27.36 5.04 -26.02
C VAL B 183 27.40 5.44 -27.47
N LYS B 184 28.51 5.11 -28.10
CA LYS B 184 28.65 5.40 -29.51
C LYS B 184 27.87 4.31 -30.16
N ASN B 185 28.38 3.08 -30.12
CA ASN B 185 27.63 2.01 -30.75
C ASN B 185 26.16 2.10 -30.33
N LYS B 186 25.82 3.05 -29.48
CA LYS B 186 24.44 3.26 -29.07
C LYS B 186 23.88 2.19 -28.19
N MET B 187 24.70 1.64 -27.32
CA MET B 187 24.22 0.62 -26.42
C MET B 187 23.03 1.08 -25.61
N ASP B 188 22.57 0.23 -24.72
CA ASP B 188 21.45 0.56 -23.90
C ASP B 188 21.88 0.47 -22.46
N ILE B 189 22.40 -0.67 -22.05
CA ILE B 189 22.89 -0.74 -20.68
C ILE B 189 24.36 -0.99 -20.64
N ILE B 190 25.08 -0.04 -20.07
CA ILE B 190 26.51 -0.07 -19.96
C ILE B 190 26.89 -0.22 -18.51
N ILE B 191 27.51 -1.36 -18.21
CA ILE B 191 27.96 -1.69 -16.87
C ILE B 191 29.47 -1.60 -16.72
N VAL B 192 29.95 -0.72 -15.85
CA VAL B 192 31.38 -0.57 -15.63
C VAL B 192 31.84 -1.18 -14.33
N ASP B 193 32.67 -2.20 -14.47
CA ASP B 193 33.22 -2.96 -13.36
C ASP B 193 34.50 -2.30 -12.91
N THR B 194 34.50 -1.87 -11.66
CA THR B 194 35.65 -1.21 -11.09
C THR B 194 35.96 -1.94 -9.81
N ALA B 195 36.99 -1.53 -9.08
CA ALA B 195 37.28 -2.24 -7.84
C ALA B 195 37.52 -1.31 -6.65
N GLY B 196 38.60 -1.56 -5.92
CA GLY B 196 38.88 -0.73 -4.77
C GLY B 196 40.20 -1.13 -4.17
N ARG B 197 41.05 -0.16 -3.89
CA ARG B 197 42.36 -0.47 -3.31
C ARG B 197 42.33 -0.85 -1.80
N HIS B 198 41.25 -0.52 -1.09
CA HIS B 198 41.17 -0.86 0.34
C HIS B 198 40.07 -1.84 0.67
N GLY B 199 40.06 -2.31 1.91
CA GLY B 199 39.08 -3.28 2.35
C GLY B 199 38.23 -2.71 3.46
N TYR B 200 37.45 -3.56 4.11
CA TYR B 200 36.57 -3.10 5.17
C TYR B 200 37.32 -2.57 6.36
N GLY B 201 36.98 -1.34 6.75
CA GLY B 201 37.62 -0.67 7.87
C GLY B 201 38.43 0.50 7.34
N GLU B 202 38.44 0.63 6.02
CA GLU B 202 39.14 1.69 5.33
C GLU B 202 38.08 2.28 4.44
N GLU B 203 36.92 2.53 5.03
CA GLU B 203 35.81 3.10 4.32
C GLU B 203 36.15 4.43 3.62
N THR B 204 36.18 5.52 4.39
CA THR B 204 36.49 6.85 3.84
C THR B 204 37.37 6.74 2.59
N LYS B 205 38.61 6.25 2.73
CA LYS B 205 39.61 6.11 1.68
C LYS B 205 39.05 5.37 0.49
N LEU B 206 38.29 4.31 0.71
CA LEU B 206 37.71 3.57 -0.38
C LEU B 206 36.82 4.54 -1.16
N LEU B 207 35.70 4.96 -0.56
CA LEU B 207 34.78 5.89 -1.22
C LEU B 207 35.51 7.06 -1.87
N GLU B 208 36.38 7.73 -1.14
CA GLU B 208 37.12 8.83 -1.72
C GLU B 208 37.71 8.36 -3.08
N GLU B 209 38.30 7.17 -3.09
CA GLU B 209 38.89 6.62 -4.30
C GLU B 209 37.84 6.51 -5.42
N MET B 210 36.65 6.02 -5.11
CA MET B 210 35.63 5.89 -6.16
C MET B 210 35.38 7.26 -6.78
N LYS B 211 35.41 8.31 -5.98
CA LYS B 211 35.11 9.63 -6.49
C LYS B 211 35.63 9.89 -7.89
N GLU B 212 36.93 9.79 -8.14
CA GLU B 212 37.49 10.16 -9.43
C GLU B 212 37.07 9.18 -10.52
N MET B 213 36.33 8.12 -10.32
CA MET B 213 35.93 7.23 -11.42
C MET B 213 34.45 7.48 -11.63
N TYR B 214 33.89 8.24 -10.71
CA TYR B 214 32.49 8.59 -10.78
C TYR B 214 32.37 9.83 -11.65
N ASP B 215 32.97 10.94 -11.24
CA ASP B 215 32.90 12.16 -12.00
C ASP B 215 33.14 11.90 -13.48
N VAL B 216 34.20 11.17 -13.82
CA VAL B 216 34.52 10.89 -15.21
C VAL B 216 33.42 10.21 -16.00
N LEU B 217 32.78 9.21 -15.38
CA LEU B 217 31.72 8.45 -16.04
C LEU B 217 30.33 9.00 -15.76
N LYS B 218 30.21 9.84 -14.75
CA LYS B 218 28.91 10.40 -14.42
C LYS B 218 27.82 9.43 -14.73
N PRO B 219 27.87 8.26 -14.10
CA PRO B 219 26.92 7.13 -14.22
C PRO B 219 25.55 7.48 -13.66
N ASP B 220 24.52 6.83 -14.20
CA ASP B 220 23.16 7.09 -13.73
C ASP B 220 22.91 6.29 -12.46
N ASP B 221 23.67 5.22 -12.26
CA ASP B 221 23.53 4.38 -11.08
C ASP B 221 24.88 3.77 -10.65
N VAL B 222 25.14 3.74 -9.34
CA VAL B 222 26.37 3.16 -8.76
C VAL B 222 25.94 1.97 -7.94
N ILE B 223 26.65 0.85 -8.05
CA ILE B 223 26.26 -0.33 -7.29
C ILE B 223 27.34 -0.95 -6.42
N LEU B 224 27.18 -0.84 -5.11
CA LEU B 224 28.17 -1.44 -4.24
C LEU B 224 27.93 -2.92 -4.17
N VAL B 225 28.95 -3.66 -4.51
CA VAL B 225 28.88 -5.11 -4.50
C VAL B 225 29.46 -5.65 -3.22
N ILE B 226 28.66 -6.25 -2.36
CA ILE B 226 29.22 -6.78 -1.14
C ILE B 226 29.24 -8.31 -1.04
N ASP B 227 30.28 -8.84 -0.43
CA ASP B 227 30.37 -10.26 -0.26
C ASP B 227 29.62 -10.52 1.02
N ALA B 228 28.62 -11.38 0.95
CA ALA B 228 27.82 -11.72 2.10
C ALA B 228 28.62 -12.35 3.24
N SER B 229 29.90 -12.62 3.01
CA SER B 229 30.74 -13.22 4.03
C SER B 229 31.42 -12.20 4.93
N ILE B 230 31.04 -10.94 4.77
CA ILE B 230 31.64 -9.92 5.59
C ILE B 230 30.80 -9.78 6.84
N GLY B 231 29.65 -10.43 6.83
CA GLY B 231 28.76 -10.36 7.98
C GLY B 231 28.37 -8.93 8.24
N GLN B 232 27.87 -8.64 9.42
CA GLN B 232 27.45 -7.29 9.79
C GLN B 232 28.52 -6.22 9.59
N LYS B 233 29.78 -6.61 9.40
CA LYS B 233 30.83 -5.62 9.23
C LYS B 233 30.64 -4.79 7.98
N ALA B 234 29.88 -5.29 7.02
CA ALA B 234 29.65 -4.57 5.78
C ALA B 234 28.96 -3.29 6.15
N TYR B 235 28.60 -3.23 7.41
CA TYR B 235 27.89 -2.09 7.90
C TYR B 235 28.54 -0.73 7.61
N ASP B 236 29.66 -0.43 8.26
CA ASP B 236 30.29 0.84 8.03
C ASP B 236 30.29 1.26 6.58
N LEU B 237 30.99 0.51 5.73
CA LEU B 237 31.02 0.87 4.32
C LEU B 237 29.63 1.19 3.79
N ALA B 238 28.64 0.39 4.15
CA ALA B 238 27.29 0.63 3.66
C ALA B 238 26.81 2.04 3.97
N SER B 239 26.53 2.30 5.24
CA SER B 239 26.05 3.61 5.65
C SER B 239 26.76 4.71 4.87
N ARG B 240 28.06 4.84 5.08
CA ARG B 240 28.81 5.87 4.39
C ARG B 240 28.52 5.89 2.91
N PHE B 241 28.54 4.73 2.26
CA PHE B 241 28.27 4.70 0.84
C PHE B 241 26.88 5.23 0.46
N HIS B 242 25.82 4.75 1.10
CA HIS B 242 24.47 5.23 0.73
C HIS B 242 24.28 6.75 0.85
N GLN B 243 25.02 7.36 1.78
CA GLN B 243 24.92 8.79 1.97
C GLN B 243 25.65 9.48 0.84
N ALA B 244 26.93 9.16 0.69
CA ALA B 244 27.78 9.72 -0.35
C ALA B 244 27.09 9.96 -1.69
N SER B 245 25.88 9.44 -1.84
CA SER B 245 25.19 9.69 -3.11
C SER B 245 23.69 9.43 -3.08
N PRO B 246 22.97 10.04 -4.03
CA PRO B 246 21.53 9.92 -4.19
C PRO B 246 21.23 8.83 -5.21
N ILE B 247 22.29 8.29 -5.81
CA ILE B 247 22.17 7.24 -6.82
C ILE B 247 22.96 6.00 -6.43
N GLY B 248 22.85 5.61 -5.17
CA GLY B 248 23.56 4.43 -4.70
C GLY B 248 22.63 3.27 -4.48
N SER B 249 23.13 2.07 -4.74
CA SER B 249 22.35 0.85 -4.59
C SER B 249 23.32 -0.24 -4.25
N VAL B 250 22.85 -1.35 -3.72
CA VAL B 250 23.78 -2.42 -3.39
C VAL B 250 23.33 -3.77 -3.81
N ILE B 251 24.32 -4.63 -4.02
CA ILE B 251 24.10 -6.00 -4.40
C ILE B 251 24.78 -6.79 -3.32
N ILE B 252 24.17 -7.90 -2.93
CA ILE B 252 24.72 -8.75 -1.90
C ILE B 252 25.05 -10.08 -2.58
N THR B 253 26.33 -10.45 -2.60
CA THR B 253 26.73 -11.68 -3.27
C THR B 253 27.20 -12.81 -2.39
N LYS B 254 27.16 -13.98 -2.97
CA LYS B 254 27.62 -15.16 -2.29
C LYS B 254 26.86 -15.47 -1.02
N MET B 255 25.55 -15.22 -1.02
CA MET B 255 24.75 -15.49 0.17
C MET B 255 24.71 -16.99 0.40
N ASP B 256 25.02 -17.79 -0.61
CA ASP B 256 24.95 -19.23 -0.39
C ASP B 256 26.34 -19.79 -0.10
N GLY B 257 27.20 -18.95 0.47
CA GLY B 257 28.55 -19.40 0.82
C GLY B 257 29.04 -18.89 2.17
N THR B 258 28.10 -18.51 3.03
CA THR B 258 28.45 -17.98 4.33
C THR B 258 27.26 -18.08 5.24
N ALA B 259 27.48 -18.38 6.51
CA ALA B 259 26.35 -18.44 7.41
C ALA B 259 26.21 -17.02 7.88
N LYS B 260 26.90 -16.09 7.25
CA LYS B 260 26.82 -14.70 7.67
C LYS B 260 25.86 -13.83 6.86
N GLY B 261 25.13 -14.46 5.95
CA GLY B 261 24.19 -13.74 5.11
C GLY B 261 23.28 -12.76 5.82
N GLY B 262 22.86 -13.12 7.03
CA GLY B 262 21.97 -12.25 7.77
C GLY B 262 22.66 -11.01 8.29
N GLY B 263 23.94 -11.13 8.61
CA GLY B 263 24.70 -10.00 9.10
C GLY B 263 24.81 -8.94 8.04
N ALA B 264 25.24 -9.34 6.86
CA ALA B 264 25.38 -8.42 5.74
C ALA B 264 24.04 -7.76 5.49
N LEU B 265 23.02 -8.60 5.31
CA LEU B 265 21.68 -8.12 5.05
C LEU B 265 21.16 -7.24 6.18
N SER B 266 21.08 -7.75 7.39
CA SER B 266 20.57 -6.99 8.53
C SER B 266 21.37 -5.71 8.76
N ALA B 267 22.65 -5.75 8.44
CA ALA B 267 23.49 -4.58 8.62
C ALA B 267 23.16 -3.54 7.58
N VAL B 268 23.39 -3.88 6.30
CA VAL B 268 23.12 -2.97 5.20
C VAL B 268 21.74 -2.32 5.32
N VAL B 269 20.70 -3.13 5.42
CA VAL B 269 19.34 -2.65 5.55
C VAL B 269 19.19 -1.63 6.66
N ALA B 270 19.94 -1.83 7.71
CA ALA B 270 19.91 -0.95 8.85
C ALA B 270 20.21 0.46 8.38
N THR B 271 21.02 0.54 7.34
CA THR B 271 21.42 1.81 6.76
C THR B 271 20.30 2.40 5.95
N GLY B 272 19.29 1.59 5.64
CA GLY B 272 18.17 2.07 4.86
C GLY B 272 18.38 1.84 3.36
N ALA B 273 19.60 1.46 3.01
CA ALA B 273 19.96 1.20 1.64
C ALA B 273 18.91 0.50 0.83
N THR B 274 19.15 0.46 -0.47
CA THR B 274 18.27 -0.19 -1.42
C THR B 274 18.99 -1.40 -1.97
N ILE B 275 18.76 -2.56 -1.39
CA ILE B 275 19.41 -3.77 -1.88
C ILE B 275 18.71 -4.23 -3.14
N LYS B 276 19.18 -3.78 -4.30
CA LYS B 276 18.53 -4.15 -5.53
C LYS B 276 18.68 -5.59 -5.98
N PHE B 277 19.86 -6.16 -5.81
CA PHE B 277 20.07 -7.54 -6.22
C PHE B 277 20.72 -8.27 -5.11
N ILE B 278 20.72 -9.59 -5.19
CA ILE B 278 21.35 -10.42 -4.19
C ILE B 278 21.92 -11.60 -4.94
N GLY B 279 23.19 -11.87 -4.75
CA GLY B 279 23.73 -12.98 -5.48
C GLY B 279 23.41 -14.26 -4.80
N THR B 280 22.96 -15.27 -5.55
CA THR B 280 22.70 -16.53 -4.92
C THR B 280 23.81 -17.54 -5.18
N GLY B 281 23.99 -17.95 -6.43
CA GLY B 281 25.03 -18.94 -6.69
C GLY B 281 26.28 -18.52 -7.41
N GLU B 282 26.77 -19.46 -8.22
CA GLU B 282 27.98 -19.27 -9.00
C GLU B 282 27.70 -19.45 -10.46
N LYS B 283 26.44 -19.67 -10.81
CA LYS B 283 26.08 -19.81 -12.19
C LYS B 283 25.66 -18.43 -12.70
N ILE B 284 25.84 -18.20 -14.00
CA ILE B 284 25.53 -16.92 -14.60
C ILE B 284 24.17 -16.31 -14.29
N ASP B 285 23.08 -17.04 -14.53
CA ASP B 285 21.74 -16.48 -14.31
C ASP B 285 21.29 -16.28 -12.87
N GLU B 286 22.05 -16.83 -11.93
CA GLU B 286 21.76 -16.75 -10.49
C GLU B 286 22.00 -15.38 -9.84
N LEU B 287 21.04 -14.49 -10.02
CA LEU B 287 21.08 -13.16 -9.45
C LEU B 287 19.61 -12.79 -9.36
N GLU B 288 19.06 -12.74 -8.15
CA GLU B 288 17.65 -12.43 -7.96
C GLU B 288 17.31 -11.06 -7.48
N THR B 289 16.13 -10.59 -7.86
CA THR B 289 15.73 -9.30 -7.39
C THR B 289 15.68 -9.55 -5.90
N PHE B 290 15.77 -8.50 -5.10
CA PHE B 290 15.72 -8.70 -3.66
C PHE B 290 14.63 -7.90 -3.01
N ASN B 291 13.69 -8.61 -2.40
CA ASN B 291 12.57 -7.98 -1.73
C ASN B 291 12.33 -8.67 -0.40
N ALA B 292 13.01 -8.19 0.64
CA ALA B 292 12.88 -8.78 1.94
C ALA B 292 11.65 -9.66 2.11
N LYS B 293 10.48 -9.07 2.27
CA LYS B 293 9.27 -9.86 2.48
C LYS B 293 9.20 -11.19 1.71
N ARG B 294 9.78 -11.24 0.53
CA ARG B 294 9.77 -12.45 -0.29
C ARG B 294 10.95 -13.30 0.09
N PHE B 295 12.08 -12.62 0.25
CA PHE B 295 13.28 -13.31 0.61
C PHE B 295 12.98 -14.17 1.80
N VAL B 296 12.25 -13.61 2.75
CA VAL B 296 11.90 -14.36 3.94
C VAL B 296 10.77 -15.28 3.60
N SER B 297 9.89 -14.83 2.72
CA SER B 297 8.77 -15.66 2.33
C SER B 297 9.32 -17.04 2.01
N ARG B 298 10.56 -17.11 1.56
CA ARG B 298 11.16 -18.39 1.21
C ARG B 298 11.32 -19.36 2.37
N ILE B 299 10.75 -19.05 3.53
CA ILE B 299 10.86 -19.97 4.66
C ILE B 299 9.51 -20.44 5.12
N LEU B 300 9.38 -21.76 5.28
CA LEU B 300 8.15 -22.36 5.73
C LEU B 300 7.14 -22.62 4.63
N GLY B 301 5.94 -22.09 4.74
CA GLY B 301 4.96 -22.35 3.71
C GLY B 301 4.06 -21.21 3.30
N MET B 302 4.09 -20.92 2.02
CA MET B 302 3.30 -19.88 1.38
C MET B 302 1.97 -19.65 2.09
N GLY B 303 1.20 -20.72 2.29
CA GLY B 303 -0.07 -20.60 2.94
C GLY B 303 0.02 -20.45 4.45
N ASP B 304 1.23 -20.22 4.93
CA ASP B 304 1.45 -20.04 6.36
C ASP B 304 1.52 -18.54 6.61
N ILE B 305 1.93 -17.81 5.58
CA ILE B 305 1.99 -16.37 5.67
C ILE B 305 0.75 -15.88 4.93
N GLU B 306 0.11 -16.80 4.20
CA GLU B 306 -1.07 -16.50 3.39
C GLU B 306 -2.22 -15.71 4.04
N SER B 307 -2.85 -16.24 5.07
CA SER B 307 -3.94 -15.51 5.69
C SER B 307 -3.48 -14.07 5.91
N ILE B 308 -2.15 -13.88 5.98
CA ILE B 308 -1.52 -12.57 6.20
C ILE B 308 -1.81 -11.53 5.13
N LEU B 309 -1.05 -11.56 4.05
CA LEU B 309 -1.25 -10.60 2.98
C LEU B 309 -2.68 -10.77 2.46
N GLU B 310 -3.39 -11.78 2.97
CA GLU B 310 -4.76 -12.03 2.55
C GLU B 310 -5.71 -11.35 3.54
N LYS B 311 -5.39 -11.41 4.82
CA LYS B 311 -6.21 -10.78 5.86
C LYS B 311 -6.21 -9.25 5.66
N VAL B 312 -5.06 -8.62 5.90
CA VAL B 312 -4.83 -7.16 5.76
C VAL B 312 -5.40 -6.66 4.44
N LYS B 313 -4.98 -7.32 3.37
CA LYS B 313 -5.44 -7.00 2.05
C LYS B 313 -6.95 -7.23 2.13
N GLY B 314 -7.35 -8.48 2.18
CA GLY B 314 -8.76 -8.82 2.24
C GLY B 314 -9.63 -7.93 3.10
N LEU B 315 -9.13 -7.48 4.24
CA LEU B 315 -9.95 -6.65 5.12
C LEU B 315 -10.02 -5.21 4.66
N GLU B 316 -8.93 -4.68 4.14
CA GLU B 316 -8.93 -3.30 3.68
C GLU B 316 -9.90 -3.13 2.50
N GLU B 317 -9.74 -3.93 1.46
CA GLU B 317 -10.61 -3.81 0.30
C GLU B 317 -12.07 -3.99 0.70
N TYR B 318 -12.26 -4.59 1.86
CA TYR B 318 -13.60 -4.85 2.37
C TYR B 318 -14.18 -3.60 3.01
N ASP B 319 -13.86 -3.38 4.28
CA ASP B 319 -14.38 -2.23 5.03
C ASP B 319 -14.40 -0.95 4.20
N LYS B 320 -13.26 -0.60 3.60
CA LYS B 320 -13.19 0.61 2.80
C LYS B 320 -14.23 0.66 1.68
N ILE B 321 -14.14 -0.29 0.77
CA ILE B 321 -15.02 -0.34 -0.38
C ILE B 321 -16.48 -0.15 -0.04
N GLN B 322 -16.92 -0.69 1.07
CA GLN B 322 -18.30 -0.50 1.43
C GLN B 322 -18.47 0.99 1.60
N LYS B 323 -17.53 1.59 2.34
CA LYS B 323 -17.59 3.01 2.55
C LYS B 323 -17.79 3.70 1.21
N LYS B 324 -16.73 3.74 0.42
CA LYS B 324 -16.80 4.39 -0.89
C LYS B 324 -18.12 4.24 -1.65
N MET B 325 -18.83 3.13 -1.44
CA MET B 325 -20.09 2.99 -2.15
C MET B 325 -21.16 3.86 -1.50
N GLU B 326 -21.20 3.90 -0.18
CA GLU B 326 -22.21 4.69 0.51
C GLU B 326 -22.15 6.15 0.11
N ASP B 327 -20.96 6.60 -0.27
CA ASP B 327 -20.79 7.99 -0.68
C ASP B 327 -19.91 8.15 -1.93
N LEU B 335 -20.52 1.89 -11.07
CA LEU B 335 -21.54 0.88 -10.77
C LEU B 335 -20.86 -0.27 -10.06
N THR B 336 -21.31 -0.57 -8.85
CA THR B 336 -20.76 -1.65 -8.03
C THR B 336 -21.47 -2.98 -8.13
N LEU B 337 -20.70 -4.03 -8.33
CA LEU B 337 -21.25 -5.36 -8.41
C LEU B 337 -20.14 -6.36 -8.61
N ARG B 338 -18.97 -5.84 -8.94
CA ARG B 338 -17.81 -6.68 -9.13
C ARG B 338 -17.30 -6.91 -7.71
N ASP B 339 -17.65 -5.99 -6.82
CA ASP B 339 -17.23 -6.13 -5.45
C ASP B 339 -18.12 -7.19 -4.93
N VAL B 340 -17.49 -8.17 -4.31
CA VAL B 340 -18.14 -9.32 -3.74
C VAL B 340 -17.07 -10.31 -4.07
N TYR B 341 -16.47 -10.12 -5.24
CA TYR B 341 -15.41 -11.01 -5.66
C TYR B 341 -14.38 -10.73 -4.59
N ALA B 342 -13.91 -9.49 -4.57
CA ALA B 342 -12.94 -9.10 -3.58
C ALA B 342 -13.44 -9.64 -2.25
N GLN B 343 -14.62 -9.22 -1.81
CA GLN B 343 -15.12 -9.69 -0.53
C GLN B 343 -15.05 -11.22 -0.42
N ILE B 344 -15.64 -11.94 -1.37
CA ILE B 344 -15.64 -13.40 -1.34
C ILE B 344 -14.27 -14.01 -1.53
N ILE B 345 -13.46 -13.40 -2.37
CA ILE B 345 -12.13 -13.94 -2.57
C ILE B 345 -11.46 -13.77 -1.23
N ALA B 346 -11.80 -12.69 -0.53
CA ALA B 346 -11.18 -12.45 0.76
C ALA B 346 -11.48 -13.53 1.77
N LEU B 347 -12.76 -13.72 2.08
CA LEU B 347 -13.13 -14.73 3.05
C LEU B 347 -12.43 -16.04 2.72
N ARG B 348 -12.58 -16.47 1.48
CA ARG B 348 -12.00 -17.71 1.04
C ARG B 348 -10.51 -17.81 1.39
N LYS B 349 -9.81 -16.67 1.42
CA LYS B 349 -8.39 -16.73 1.76
C LYS B 349 -8.28 -17.27 3.17
N MET B 350 -9.25 -16.91 4.00
CA MET B 350 -9.26 -17.37 5.37
C MET B 350 -10.15 -18.61 5.44
N GLY B 351 -9.60 -19.76 5.06
CA GLY B 351 -10.33 -21.02 5.10
C GLY B 351 -11.69 -20.98 4.41
N PRO B 352 -12.06 -21.99 3.60
CA PRO B 352 -13.37 -21.95 2.93
C PRO B 352 -14.59 -22.51 3.66
N LEU B 353 -14.41 -23.01 4.88
CA LEU B 353 -15.51 -23.60 5.66
C LEU B 353 -16.25 -22.59 6.56
N SER B 354 -17.19 -23.05 7.37
CA SER B 354 -17.90 -22.11 8.20
C SER B 354 -17.01 -21.42 9.21
N LYS B 355 -15.96 -22.09 9.70
CA LYS B 355 -15.06 -21.49 10.69
C LYS B 355 -14.67 -20.09 10.34
N VAL B 356 -15.23 -19.61 9.25
CA VAL B 356 -14.93 -18.27 8.82
C VAL B 356 -16.20 -17.48 8.70
N LEU B 357 -17.27 -18.15 8.32
CA LEU B 357 -18.55 -17.49 8.15
C LEU B 357 -19.04 -16.97 9.50
N GLN B 358 -18.92 -17.77 10.57
CA GLN B 358 -19.39 -17.33 11.88
C GLN B 358 -18.96 -15.89 12.21
N HIS B 359 -17.73 -15.54 11.83
CA HIS B 359 -17.21 -14.19 12.06
C HIS B 359 -17.29 -13.40 10.76
N ILE B 360 -17.84 -14.05 9.74
CA ILE B 360 -18.07 -13.45 8.43
C ILE B 360 -19.53 -13.10 8.62
N PRO B 361 -19.80 -11.94 9.22
CA PRO B 361 -21.18 -11.53 9.43
C PRO B 361 -21.75 -11.13 8.07
N GLY B 362 -20.86 -11.08 7.09
CA GLY B 362 -21.24 -10.71 5.73
C GLY B 362 -20.70 -9.40 5.21
N LEU B 363 -20.93 -9.15 3.93
CA LEU B 363 -20.49 -7.92 3.28
C LEU B 363 -21.33 -6.73 3.74
N GLY B 364 -22.65 -6.79 3.49
CA GLY B 364 -23.55 -5.72 3.85
C GLY B 364 -22.79 -4.78 4.75
N ILE B 365 -22.65 -5.24 5.99
CA ILE B 365 -21.99 -4.63 7.16
C ILE B 365 -23.03 -4.82 8.24
N MET B 366 -24.27 -4.44 7.87
CA MET B 366 -25.52 -4.53 8.76
C MET B 366 -26.53 -3.35 8.38
N LEU B 367 -27.84 -3.60 8.31
CA LEU B 367 -28.77 -2.58 7.96
C LEU B 367 -30.26 -3.13 8.40
N PRO B 368 -31.24 -2.62 7.69
CA PRO B 368 -32.63 -3.08 7.80
C PRO B 368 -32.73 -4.61 7.85
N THR B 369 -33.67 -5.12 8.43
CA THR B 369 -33.69 -6.62 8.61
C THR B 369 -34.73 -7.03 9.68
N PRO B 370 -35.42 -8.20 9.56
CA PRO B 370 -36.39 -8.32 10.65
C PRO B 370 -35.73 -8.47 12.02
N SER B 371 -36.24 -7.72 13.05
CA SER B 371 -35.63 -7.95 14.34
C SER B 371 -34.12 -8.07 14.24
N GLU B 372 -33.57 -9.16 14.79
CA GLU B 372 -32.15 -9.50 14.77
C GLU B 372 -31.70 -10.72 13.93
N ASP B 373 -32.66 -11.42 13.33
CA ASP B 373 -32.40 -12.55 12.43
C ASP B 373 -32.07 -11.85 11.12
N GLN B 374 -31.12 -12.36 10.33
CA GLN B 374 -30.75 -11.64 9.09
C GLN B 374 -31.74 -11.67 7.91
N LEU B 375 -31.31 -11.07 6.77
CA LEU B 375 -32.14 -11.01 5.58
C LEU B 375 -31.40 -11.49 4.33
N LYS B 376 -31.47 -12.84 4.07
CA LYS B 376 -30.99 -13.53 2.90
C LYS B 376 -29.64 -14.17 3.17
N ILE B 377 -29.29 -15.15 2.23
CA ILE B 377 -28.03 -15.94 2.21
C ILE B 377 -28.20 -17.18 3.12
N GLY B 378 -27.15 -17.99 3.17
CA GLY B 378 -27.12 -19.21 3.97
C GLY B 378 -25.64 -19.50 4.04
N GLU B 379 -25.17 -20.38 4.93
CA GLU B 379 -23.72 -20.65 5.03
C GLU B 379 -23.17 -21.25 3.75
N GLU B 380 -23.94 -22.14 3.17
CA GLU B 380 -23.50 -22.76 1.97
C GLU B 380 -23.64 -21.74 0.83
N LYS B 381 -24.57 -20.79 0.93
CA LYS B 381 -24.79 -19.71 -0.08
C LYS B 381 -23.45 -19.08 -0.50
N ILE B 382 -22.37 -19.77 -0.11
CA ILE B 382 -20.98 -19.41 -0.37
C ILE B 382 -20.50 -19.77 -1.78
N ARG B 383 -20.49 -21.05 -2.13
CA ARG B 383 -20.09 -21.45 -3.47
C ARG B 383 -21.26 -21.13 -4.36
N ARG B 384 -21.87 -20.02 -4.03
CA ARG B 384 -23.00 -19.53 -4.75
C ARG B 384 -22.51 -18.13 -5.08
N TRP B 385 -22.20 -17.31 -4.09
CA TRP B 385 -21.69 -16.00 -4.42
C TRP B 385 -20.74 -16.23 -5.56
N LEU B 386 -19.83 -17.16 -5.35
CA LEU B 386 -18.87 -17.52 -6.37
C LEU B 386 -19.56 -17.77 -7.69
N ALA B 387 -20.63 -18.57 -7.66
CA ALA B 387 -21.37 -18.89 -8.86
C ALA B 387 -20.99 -17.92 -9.97
N ALA B 388 -21.59 -16.74 -9.96
CA ALA B 388 -21.29 -15.73 -10.97
C ALA B 388 -19.84 -15.46 -10.81
N LEU B 389 -19.43 -14.22 -10.94
CA LEU B 389 -18.01 -13.93 -10.78
C LEU B 389 -17.41 -14.55 -12.00
N ASN B 390 -16.86 -15.74 -11.85
CA ASN B 390 -16.35 -16.44 -12.99
C ASN B 390 -17.43 -16.37 -14.10
N SER B 391 -18.69 -16.31 -13.72
CA SER B 391 -19.70 -16.23 -14.74
C SER B 391 -19.84 -14.79 -15.14
N MET B 392 -18.70 -14.16 -15.46
CA MET B 392 -18.69 -12.75 -15.86
C MET B 392 -17.39 -12.25 -16.40
N THR B 393 -17.44 -11.24 -17.24
CA THR B 393 -16.22 -10.69 -17.73
C THR B 393 -16.23 -9.39 -16.95
N TYR B 394 -15.14 -8.64 -16.94
CA TYR B 394 -15.13 -7.38 -16.21
C TYR B 394 -16.16 -6.41 -16.67
N LYS B 395 -16.46 -6.41 -17.95
CA LYS B 395 -17.44 -5.46 -18.41
C LYS B 395 -18.68 -5.77 -17.64
N GLU B 396 -18.98 -7.04 -17.48
CA GLU B 396 -20.19 -7.42 -16.77
C GLU B 396 -20.16 -7.12 -15.27
N LEU B 397 -18.99 -7.19 -14.66
CA LEU B 397 -18.90 -6.95 -13.23
C LEU B 397 -18.93 -5.47 -12.86
N GLU B 398 -18.95 -4.61 -13.86
CA GLU B 398 -18.98 -3.19 -13.58
C GLU B 398 -20.36 -2.59 -13.86
N ASN B 399 -21.16 -3.27 -14.68
CA ASN B 399 -22.50 -2.77 -15.02
C ASN B 399 -23.48 -3.92 -15.18
N PRO B 400 -23.76 -4.66 -14.11
CA PRO B 400 -24.70 -5.78 -14.23
C PRO B 400 -25.83 -5.60 -15.23
N ASN B 401 -26.40 -4.41 -15.30
CA ASN B 401 -27.51 -4.18 -16.21
C ASN B 401 -27.32 -4.74 -17.61
N ILE B 402 -26.09 -5.00 -18.00
CA ILE B 402 -25.83 -5.54 -19.34
C ILE B 402 -25.87 -7.05 -19.30
N ILE B 403 -26.48 -7.60 -18.27
CA ILE B 403 -26.57 -9.05 -18.14
C ILE B 403 -27.97 -9.51 -18.51
N ASP B 404 -28.13 -10.01 -19.73
CA ASP B 404 -29.43 -10.48 -20.18
C ASP B 404 -29.45 -11.98 -20.42
N LYS B 405 -30.50 -12.40 -21.11
CA LYS B 405 -30.71 -13.79 -21.41
C LYS B 405 -29.49 -14.58 -21.85
N SER B 406 -29.06 -14.39 -23.08
CA SER B 406 -27.91 -15.13 -23.58
C SER B 406 -26.85 -15.16 -22.51
N ARG B 407 -26.36 -13.99 -22.11
CA ARG B 407 -25.32 -13.94 -21.09
C ARG B 407 -25.62 -14.66 -19.78
N MET B 408 -26.88 -14.71 -19.36
CA MET B 408 -27.17 -15.39 -18.11
C MET B 408 -26.95 -16.88 -18.23
N ARG B 409 -27.18 -17.39 -19.43
CA ARG B 409 -27.00 -18.81 -19.66
C ARG B 409 -25.52 -19.17 -19.62
N ARG B 410 -24.69 -18.42 -20.36
CA ARG B 410 -23.24 -18.64 -20.38
C ARG B 410 -22.80 -18.58 -18.94
N ILE B 411 -23.17 -17.47 -18.32
CA ILE B 411 -22.85 -17.25 -16.93
C ILE B 411 -23.22 -18.48 -16.14
N ALA B 412 -24.46 -18.91 -16.27
CA ALA B 412 -24.95 -20.09 -15.58
C ALA B 412 -24.00 -21.26 -15.76
N GLU B 413 -24.11 -21.89 -16.92
CA GLU B 413 -23.28 -23.04 -17.27
C GLU B 413 -21.81 -22.92 -16.88
N GLY B 414 -21.26 -21.71 -16.95
CA GLY B 414 -19.85 -21.54 -16.62
C GLY B 414 -19.53 -21.72 -15.16
N SER B 415 -20.57 -21.74 -14.33
CA SER B 415 -20.43 -21.89 -12.89
C SER B 415 -21.03 -23.18 -12.33
N GLY B 416 -21.86 -23.83 -13.12
CA GLY B 416 -22.49 -25.07 -12.68
C GLY B 416 -23.90 -24.93 -12.13
N LEU B 417 -24.46 -23.73 -12.24
CA LEU B 417 -25.81 -23.49 -11.76
C LEU B 417 -26.77 -23.33 -12.90
N GLU B 418 -27.99 -23.01 -12.55
CA GLU B 418 -29.04 -22.82 -13.53
C GLU B 418 -29.46 -21.36 -13.58
N VAL B 419 -29.93 -20.95 -14.74
CA VAL B 419 -30.35 -19.58 -14.97
C VAL B 419 -30.98 -18.94 -13.75
N GLU B 420 -32.01 -19.54 -13.19
CA GLU B 420 -32.63 -18.94 -12.01
C GLU B 420 -31.60 -18.57 -10.93
N GLU B 421 -30.57 -19.40 -10.71
CA GLU B 421 -29.58 -19.06 -9.70
C GLU B 421 -28.95 -17.71 -9.97
N VAL B 422 -28.43 -17.49 -11.17
CA VAL B 422 -27.83 -16.19 -11.48
C VAL B 422 -28.86 -15.11 -11.29
N ARG B 423 -30.14 -15.46 -11.47
CA ARG B 423 -31.18 -14.48 -11.31
C ARG B 423 -31.29 -14.11 -9.85
N GLU B 424 -31.26 -15.11 -8.99
CA GLU B 424 -31.37 -14.87 -7.57
C GLU B 424 -30.16 -14.03 -7.27
N LEU B 425 -28.97 -14.55 -7.53
CA LEU B 425 -27.80 -13.76 -7.24
C LEU B 425 -28.06 -12.32 -7.68
N LEU B 426 -28.15 -12.08 -8.98
CA LEU B 426 -28.38 -10.71 -9.47
C LEU B 426 -29.49 -9.92 -8.78
N GLU B 427 -30.50 -10.58 -8.22
CA GLU B 427 -31.53 -9.79 -7.56
C GLU B 427 -31.09 -9.42 -6.17
N TRP B 428 -30.26 -10.23 -5.58
CA TRP B 428 -29.76 -9.92 -4.25
C TRP B 428 -28.87 -8.71 -4.46
N TYR B 429 -27.84 -8.86 -5.29
CA TYR B 429 -26.92 -7.80 -5.58
C TYR B 429 -27.68 -6.52 -5.74
N ASN B 430 -28.62 -6.50 -6.66
CA ASN B 430 -29.39 -5.28 -6.84
C ASN B 430 -30.03 -4.85 -5.52
N ASN B 431 -30.48 -5.78 -4.68
CA ASN B 431 -31.11 -5.40 -3.42
C ASN B 431 -30.11 -4.78 -2.47
N MET B 432 -28.87 -5.21 -2.58
CA MET B 432 -27.82 -4.67 -1.73
C MET B 432 -27.44 -3.27 -2.26
N ASN B 433 -27.19 -3.18 -3.56
CA ASN B 433 -26.83 -1.90 -4.18
C ASN B 433 -27.89 -0.87 -3.96
N ARG B 434 -29.13 -1.31 -3.90
CA ARG B 434 -30.24 -0.41 -3.68
C ARG B 434 -30.12 0.06 -2.25
N LEU B 435 -29.62 -0.80 -1.35
CA LEU B 435 -29.46 -0.40 0.04
C LEU B 435 -28.32 0.58 0.21
N LEU B 436 -27.13 0.13 -0.11
CA LEU B 436 -25.98 0.99 0.03
C LEU B 436 -26.42 2.37 -0.44
N LYS B 437 -26.87 2.46 -1.68
CA LYS B 437 -27.35 3.74 -2.20
C LYS B 437 -28.24 4.41 -1.14
N MET B 438 -29.40 3.81 -0.89
CA MET B 438 -30.36 4.35 0.05
C MET B 438 -29.78 4.98 1.28
N VAL B 439 -28.75 4.34 1.79
CA VAL B 439 -28.08 4.79 2.99
C VAL B 439 -27.95 6.30 3.10
N LYS B 440 -27.92 6.98 1.96
CA LYS B 440 -27.82 8.44 1.90
C LYS B 440 -27.50 8.89 0.49
#